data_1D35
# 
_entry.id   1D35 
# 
_audit_conform.dict_name       mmcif_pdbx.dic 
_audit_conform.dict_version    5.385 
_audit_conform.dict_location   http://mmcif.pdb.org/dictionaries/ascii/mmcif_pdbx.dic 
# 
loop_
_database_2.database_id 
_database_2.database_code 
_database_2.pdbx_database_accession 
_database_2.pdbx_DOI 
PDB   1D35         pdb_00001d35 10.2210/pdb1d35/pdb 
RCSB  DDFB25       ?            ?                   
WWPDB D_1000172639 ?            ?                   
# 
loop_
_pdbx_audit_revision_history.ordinal 
_pdbx_audit_revision_history.data_content_type 
_pdbx_audit_revision_history.major_revision 
_pdbx_audit_revision_history.minor_revision 
_pdbx_audit_revision_history.revision_date 
1 'Structure model' 1 0 1992-04-15 
2 'Structure model' 1 1 2008-05-22 
3 'Structure model' 1 2 2011-07-13 
4 'Structure model' 1 3 2024-02-07 
# 
_pdbx_audit_revision_details.ordinal             1 
_pdbx_audit_revision_details.revision_ordinal    1 
_pdbx_audit_revision_details.data_content_type   'Structure model' 
_pdbx_audit_revision_details.provider            repository 
_pdbx_audit_revision_details.type                'Initial release' 
_pdbx_audit_revision_details.description         ? 
_pdbx_audit_revision_details.details             ? 
# 
loop_
_pdbx_audit_revision_group.ordinal 
_pdbx_audit_revision_group.revision_ordinal 
_pdbx_audit_revision_group.data_content_type 
_pdbx_audit_revision_group.group 
1 2 'Structure model' 'Version format compliance' 
2 3 'Structure model' 'Version format compliance' 
3 4 'Structure model' 'Data collection'           
4 4 'Structure model' 'Database references'       
5 4 'Structure model' 'Derived calculations'      
6 4 'Structure model' 'Structure summary'         
# 
loop_
_pdbx_audit_revision_category.ordinal 
_pdbx_audit_revision_category.revision_ordinal 
_pdbx_audit_revision_category.data_content_type 
_pdbx_audit_revision_category.category 
1 4 'Structure model' chem_comp              
2 4 'Structure model' chem_comp_atom         
3 4 'Structure model' chem_comp_bond         
4 4 'Structure model' database_2             
5 4 'Structure model' pdbx_struct_conn_angle 
6 4 'Structure model' struct_conn            
7 4 'Structure model' struct_site            
# 
loop_
_pdbx_audit_revision_item.ordinal 
_pdbx_audit_revision_item.revision_ordinal 
_pdbx_audit_revision_item.data_content_type 
_pdbx_audit_revision_item.item 
1  4 'Structure model' '_chem_comp.pdbx_synonyms'                    
2  4 'Structure model' '_database_2.pdbx_DOI'                        
3  4 'Structure model' '_database_2.pdbx_database_accession'         
4  4 'Structure model' '_pdbx_struct_conn_angle.ptnr1_auth_comp_id'  
5  4 'Structure model' '_pdbx_struct_conn_angle.ptnr1_auth_seq_id'   
6  4 'Structure model' '_pdbx_struct_conn_angle.ptnr1_label_asym_id' 
7  4 'Structure model' '_pdbx_struct_conn_angle.ptnr1_label_atom_id' 
8  4 'Structure model' '_pdbx_struct_conn_angle.ptnr1_label_comp_id' 
9  4 'Structure model' '_pdbx_struct_conn_angle.ptnr3_auth_comp_id'  
10 4 'Structure model' '_pdbx_struct_conn_angle.ptnr3_auth_seq_id'   
11 4 'Structure model' '_pdbx_struct_conn_angle.ptnr3_label_asym_id' 
12 4 'Structure model' '_pdbx_struct_conn_angle.ptnr3_label_atom_id' 
13 4 'Structure model' '_pdbx_struct_conn_angle.ptnr3_label_comp_id' 
14 4 'Structure model' '_pdbx_struct_conn_angle.value'               
15 4 'Structure model' '_struct_conn.conn_type_id'                   
16 4 'Structure model' '_struct_conn.id'                             
17 4 'Structure model' '_struct_conn.pdbx_dist_value'                
18 4 'Structure model' '_struct_conn.pdbx_leaving_atom_flag'         
19 4 'Structure model' '_struct_conn.ptnr1_auth_comp_id'             
20 4 'Structure model' '_struct_conn.ptnr1_auth_seq_id'              
21 4 'Structure model' '_struct_conn.ptnr1_label_asym_id'            
22 4 'Structure model' '_struct_conn.ptnr1_label_atom_id'            
23 4 'Structure model' '_struct_conn.ptnr1_label_comp_id'            
24 4 'Structure model' '_struct_conn.ptnr1_label_seq_id'             
25 4 'Structure model' '_struct_conn.ptnr2_auth_comp_id'             
26 4 'Structure model' '_struct_conn.ptnr2_auth_seq_id'              
27 4 'Structure model' '_struct_conn.ptnr2_label_asym_id'            
28 4 'Structure model' '_struct_conn.ptnr2_label_atom_id'            
29 4 'Structure model' '_struct_conn.ptnr2_label_comp_id'            
30 4 'Structure model' '_struct_conn.ptnr2_label_seq_id'             
31 4 'Structure model' '_struct_site.pdbx_auth_asym_id'              
32 4 'Structure model' '_struct_site.pdbx_auth_comp_id'              
33 4 'Structure model' '_struct_site.pdbx_auth_seq_id'               
# 
_pdbx_database_status.status_code                     REL 
_pdbx_database_status.entry_id                        1D35 
_pdbx_database_status.recvd_initial_deposition_date   1991-04-23 
_pdbx_database_status.deposit_site                    BNL 
_pdbx_database_status.process_site                    NDB 
_pdbx_database_status.SG_entry                        . 
_pdbx_database_status.pdb_format_compatible           Y 
_pdbx_database_status.status_code_mr                  ? 
_pdbx_database_status.status_code_sf                  ? 
_pdbx_database_status.status_code_cs                  ? 
_pdbx_database_status.status_code_nmr_data            ? 
_pdbx_database_status.methods_development_category    ? 
# 
loop_
_audit_author.name 
_audit_author.pdbx_ordinal 
'Gao, Y.-G.'          1 
'Liaw, Y.-C.'         2 
'Li, Y.-K.'           3 
'Van Der Marel, G.A.' 4 
'Van Boom, J.H.'      5 
'Wang, A.H.-J.'       6 
# 
loop_
_citation.id 
_citation.title 
_citation.journal_abbrev 
_citation.journal_volume 
_citation.page_first 
_citation.page_last 
_citation.year 
_citation.journal_id_ASTM 
_citation.country 
_citation.journal_id_ISSN 
_citation.journal_id_CSD 
_citation.book_publisher 
_citation.pdbx_database_id_PubMed 
_citation.pdbx_database_id_DOI 
primary 
;Facile formation of a crosslinked adduct between DNA and the daunorubicin derivative MAR70 mediated by formaldehyde: molecular structure of the MAR70-d(CGTnACG) covalent adduct.
;
Proc.Natl.Acad.Sci.USA  88 4845 4849 1991 PNASA6 US 0027-8424 0040 ? 2052564 10.1073/pnas.88.11.4845 
1       
;Influence of Aglycone Modifications on the Binding of Anthracycline Drugs to DNA: The Molecular Structure of Idarubicin and 4-O-Demethyl-11-Deoxydoxorubicin Complexed to d(CGATCG)
;
'Anti-Cancer Drug Des.' 6  137  ?    1991 ACDDEA UK 0266-9536 0807 ? ?       ?                       
# 
loop_
_citation_author.citation_id 
_citation_author.name 
_citation_author.ordinal 
_citation_author.identifier_ORCID 
primary 'Gao, Y.G.'           1 ? 
primary 'Liaw, Y.C.'          2 ? 
primary 'Li, Y.K.'            3 ? 
primary 'van der Marel, G.A.' 4 ? 
primary 'van Boom, J.H.'      5 ? 
primary 'Wang, A.H.'          6 ? 
1       'Gao, Y.-G.'          7 ? 
1       'Wang, A.H.-J.'       8 ? 
# 
loop_
_entity.id 
_entity.type 
_entity.src_method 
_entity.pdbx_description 
_entity.formula_weight 
_entity.pdbx_number_of_molecules 
_entity.pdbx_ec 
_entity.pdbx_mutation 
_entity.pdbx_fragment 
_entity.details 
1 polymer     syn 
;DNA (5'-D(*CP*GP*TP*(A40)P*CP*G)-3')
;
1838.258 1  ? ? ? ? 
2 non-polymer syn "4'-EPI-4'-(2-DEOXYFUCOSE)DAUNOMYCIN"  657.662  1  ? ? ? ? 
3 non-polymer syn 'MAGNESIUM ION'                        24.305   1  ? ? ? ? 
4 water       nat water                                  18.015   68 ? ? ? ? 
# 
_entity_poly.entity_id                      1 
_entity_poly.type                           polydeoxyribonucleotide 
_entity_poly.nstd_linkage                   no 
_entity_poly.nstd_monomer                   yes 
_entity_poly.pdbx_seq_one_letter_code       '(DC)(DG)(DT)(A40)(DC)(DG)' 
_entity_poly.pdbx_seq_one_letter_code_can   CGTACG 
_entity_poly.pdbx_strand_id                 A 
_entity_poly.pdbx_target_identifier         ? 
# 
loop_
_pdbx_entity_nonpoly.entity_id 
_pdbx_entity_nonpoly.name 
_pdbx_entity_nonpoly.comp_id 
2 "4'-EPI-4'-(2-DEOXYFUCOSE)DAUNOMYCIN" MAR 
3 'MAGNESIUM ION'                       MG  
4 water                                 HOH 
# 
loop_
_entity_poly_seq.entity_id 
_entity_poly_seq.num 
_entity_poly_seq.mon_id 
_entity_poly_seq.hetero 
1 1 DC  n 
1 2 DG  n 
1 3 DT  n 
1 4 A40 n 
1 5 DC  n 
1 6 DG  n 
# 
loop_
_chem_comp.id 
_chem_comp.type 
_chem_comp.mon_nstd_flag 
_chem_comp.name 
_chem_comp.pdbx_synonyms 
_chem_comp.formula 
_chem_comp.formula_weight 
A40 'DNA linking' n 
;N2-METHYL 2'-DEOXYADENOSINE 5'-MONOPHOSPHATE
;
?                              'C11 H17 N6 O6 P' 360.263 
DC  'DNA linking' y "2'-DEOXYCYTIDINE-5'-MONOPHOSPHATE"            ?                              'C9 H14 N3 O7 P'  307.197 
DG  'DNA linking' y "2'-DEOXYGUANOSINE-5'-MONOPHOSPHATE"           ?                              'C10 H14 N5 O7 P' 347.221 
DT  'DNA linking' y "THYMIDINE-5'-MONOPHOSPHATE"                   ?                              'C10 H15 N2 O8 P' 322.208 
HOH non-polymer   . WATER                                          ?                              'H2 O'            18.015  
MAR non-polymer   . "4'-EPI-4'-(2-DEOXYFUCOSE)DAUNOMYCIN"          'MAR70; DAUNOMYCIN DERIVATIVE' 'C33 H39 N O13'   657.662 
MG  non-polymer   . 'MAGNESIUM ION'                                ?                              'Mg 2'            24.305  
# 
loop_
_pdbx_poly_seq_scheme.asym_id 
_pdbx_poly_seq_scheme.entity_id 
_pdbx_poly_seq_scheme.seq_id 
_pdbx_poly_seq_scheme.mon_id 
_pdbx_poly_seq_scheme.ndb_seq_num 
_pdbx_poly_seq_scheme.pdb_seq_num 
_pdbx_poly_seq_scheme.auth_seq_num 
_pdbx_poly_seq_scheme.pdb_mon_id 
_pdbx_poly_seq_scheme.auth_mon_id 
_pdbx_poly_seq_scheme.pdb_strand_id 
_pdbx_poly_seq_scheme.pdb_ins_code 
_pdbx_poly_seq_scheme.hetero 
A 1 1 DC  1 1 1 DC  C  A . n 
A 1 2 DG  2 2 2 DG  G  A . n 
A 1 3 DT  3 3 3 DT  T  A . n 
A 1 4 A40 4 4 4 A40 +A A . n 
A 1 5 DC  5 5 5 DC  C  A . n 
A 1 6 DG  6 6 6 DG  G  A . n 
# 
loop_
_pdbx_nonpoly_scheme.asym_id 
_pdbx_nonpoly_scheme.entity_id 
_pdbx_nonpoly_scheme.mon_id 
_pdbx_nonpoly_scheme.ndb_seq_num 
_pdbx_nonpoly_scheme.pdb_seq_num 
_pdbx_nonpoly_scheme.auth_seq_num 
_pdbx_nonpoly_scheme.pdb_mon_id 
_pdbx_nonpoly_scheme.auth_mon_id 
_pdbx_nonpoly_scheme.pdb_strand_id 
_pdbx_nonpoly_scheme.pdb_ins_code 
B 2 MAR 1  7  4  MAR MAR A . 
C 3 MG  1  8  8  MG  MG  A . 
D 4 HOH 1  9  9  HOH HOH A . 
D 4 HOH 2  10 10 HOH HOH A . 
D 4 HOH 3  11 11 HOH HOH A . 
D 4 HOH 4  12 12 HOH HOH A . 
D 4 HOH 5  13 13 HOH HOH A . 
D 4 HOH 6  14 14 HOH HOH A . 
D 4 HOH 7  15 15 HOH HOH A . 
D 4 HOH 8  16 16 HOH HOH A . 
D 4 HOH 9  17 17 HOH HOH A . 
D 4 HOH 10 18 18 HOH HOH A . 
D 4 HOH 11 19 19 HOH HOH A . 
D 4 HOH 12 20 20 HOH HOH A . 
D 4 HOH 13 21 21 HOH HOH A . 
D 4 HOH 14 22 22 HOH HOH A . 
D 4 HOH 15 23 23 HOH HOH A . 
D 4 HOH 16 24 24 HOH HOH A . 
D 4 HOH 17 25 25 HOH HOH A . 
D 4 HOH 18 26 26 HOH HOH A . 
D 4 HOH 19 27 27 HOH HOH A . 
D 4 HOH 20 28 28 HOH HOH A . 
D 4 HOH 21 29 29 HOH HOH A . 
D 4 HOH 22 30 30 HOH HOH A . 
D 4 HOH 23 31 31 HOH HOH A . 
D 4 HOH 24 32 32 HOH HOH A . 
D 4 HOH 25 33 33 HOH HOH A . 
D 4 HOH 26 34 34 HOH HOH A . 
D 4 HOH 27 35 35 HOH HOH A . 
D 4 HOH 28 36 36 HOH HOH A . 
D 4 HOH 29 37 37 HOH HOH A . 
D 4 HOH 30 38 38 HOH HOH A . 
D 4 HOH 31 39 39 HOH HOH A . 
D 4 HOH 32 40 40 HOH HOH A . 
D 4 HOH 33 41 41 HOH HOH A . 
D 4 HOH 34 42 42 HOH HOH A . 
D 4 HOH 35 43 43 HOH HOH A . 
D 4 HOH 36 44 44 HOH HOH A . 
D 4 HOH 37 45 45 HOH HOH A . 
D 4 HOH 38 46 46 HOH HOH A . 
D 4 HOH 39 47 47 HOH HOH A . 
D 4 HOH 40 48 48 HOH HOH A . 
D 4 HOH 41 49 49 HOH HOH A . 
D 4 HOH 42 50 50 HOH HOH A . 
D 4 HOH 43 51 51 HOH HOH A . 
D 4 HOH 44 52 52 HOH HOH A . 
D 4 HOH 45 53 53 HOH HOH A . 
D 4 HOH 46 54 54 HOH HOH A . 
D 4 HOH 47 55 55 HOH HOH A . 
D 4 HOH 48 56 56 HOH HOH A . 
D 4 HOH 49 57 57 HOH HOH A . 
D 4 HOH 50 58 58 HOH HOH A . 
D 4 HOH 51 59 59 HOH HOH A . 
D 4 HOH 52 60 60 HOH HOH A . 
D 4 HOH 53 61 61 HOH HOH A . 
D 4 HOH 54 62 62 HOH HOH A . 
D 4 HOH 55 63 63 HOH HOH A . 
D 4 HOH 56 64 64 HOH HOH A . 
D 4 HOH 57 65 65 HOH HOH A . 
D 4 HOH 58 66 66 HOH HOH A . 
D 4 HOH 59 67 67 HOH HOH A . 
D 4 HOH 60 68 68 HOH HOH A . 
D 4 HOH 61 69 69 HOH HOH A . 
D 4 HOH 62 70 70 HOH HOH A . 
D 4 HOH 63 71 71 HOH HOH A . 
D 4 HOH 64 72 72 HOH HOH A . 
D 4 HOH 65 73 73 HOH HOH A . 
D 4 HOH 66 74 74 HOH HOH A . 
D 4 HOH 67 75 75 HOH HOH A . 
D 4 HOH 68 76 76 HOH HOH A . 
# 
_software.name             NUCLSQ 
_software.classification   refinement 
_software.version          . 
_software.citation_id      ? 
_software.pdbx_ordinal     1 
# 
_cell.entry_id           1D35 
_cell.length_a           28.120 
_cell.length_b           28.120 
_cell.length_c           52.980 
_cell.angle_alpha        90.00 
_cell.angle_beta         90.00 
_cell.angle_gamma        90.00 
_cell.Z_PDB              8 
_cell.pdbx_unique_axis   ? 
# 
_symmetry.entry_id                         1D35 
_symmetry.space_group_name_H-M             'P 41 21 2' 
_symmetry.pdbx_full_space_group_name_H-M   ? 
_symmetry.cell_setting                     ? 
_symmetry.Int_Tables_number                92 
# 
_exptl.entry_id          1D35 
_exptl.method            'X-RAY DIFFRACTION' 
_exptl.crystals_number   ? 
# 
_exptl_crystal.id                    1 
_exptl_crystal.density_meas          ? 
_exptl_crystal.density_Matthews      2.85 
_exptl_crystal.density_percent_sol   56.82 
_exptl_crystal.description           ? 
# 
_exptl_crystal_grow.crystal_id      1 
_exptl_crystal_grow.method          'VAPOR DIFFUSION' 
_exptl_crystal_grow.temp            295.00 
_exptl_crystal_grow.temp_details    ? 
_exptl_crystal_grow.pH              6.00 
_exptl_crystal_grow.pdbx_details    'pH 6.00, VAPOR DIFFUSION, temperature 295.00K' 
_exptl_crystal_grow.pdbx_pH_range   ? 
# 
loop_
_exptl_crystal_grow_comp.crystal_id 
_exptl_crystal_grow_comp.id 
_exptl_crystal_grow_comp.sol_id 
_exptl_crystal_grow_comp.name 
_exptl_crystal_grow_comp.volume 
_exptl_crystal_grow_comp.conc 
_exptl_crystal_grow_comp.details 
1 1 1 WATER           ? ? ? 
1 2 1 MPD             ? ? ? 
1 3 1 HCHO            ? ? ? 
1 4 1 BACL2           ? ? ? 
1 5 1 'NA CACODYLATE' ? ? ? 
1 6 1 SPERMINE        ? ? ? 
1 7 2 WATER           ? ? ? 
1 8 2 MPD             ? ? ? 
# 
_diffrn.id                     1 
_diffrn.ambient_temp           ? 
_diffrn.ambient_temp_details   'ROOM TEMPERATURE' 
_diffrn.crystal_id             1 
# 
_diffrn_detector.diffrn_id              1 
_diffrn_detector.detector               DIFFRACTOMETER 
_diffrn_detector.type                   'RIGAKU AFC-5R' 
_diffrn_detector.pdbx_collection_date   ? 
_diffrn_detector.details                ? 
# 
_diffrn_radiation.diffrn_id                        1 
_diffrn_radiation.wavelength_id                    1 
_diffrn_radiation.pdbx_monochromatic_or_laue_m_l   ? 
_diffrn_radiation.monochromator                    ? 
_diffrn_radiation.pdbx_diffrn_protocol             ? 
_diffrn_radiation.pdbx_scattering_type             x-ray 
# 
_diffrn_radiation_wavelength.id           1 
_diffrn_radiation_wavelength.wavelength   . 
_diffrn_radiation_wavelength.wt           1.0 
# 
_diffrn_source.diffrn_id                   1 
_diffrn_source.source                      'ROTATING ANODE' 
_diffrn_source.type                        ? 
_diffrn_source.pdbx_synchrotron_site       ? 
_diffrn_source.pdbx_synchrotron_beamline   ? 
_diffrn_source.pdbx_wavelength             ? 
_diffrn_source.pdbx_wavelength_list        ? 
# 
_reflns.entry_id                     1D35 
_reflns.observed_criterion_sigma_I   ? 
_reflns.observed_criterion_sigma_F   2.000 
_reflns.d_resolution_low             ? 
_reflns.d_resolution_high            1.300 
_reflns.number_obs                   2599 
_reflns.number_all                   ? 
_reflns.percent_possible_obs         ? 
_reflns.pdbx_Rmerge_I_obs            ? 
_reflns.pdbx_Rsym_value              ? 
_reflns.pdbx_netI_over_sigmaI        ? 
_reflns.B_iso_Wilson_estimate        ? 
_reflns.pdbx_redundancy              ? 
_reflns.pdbx_diffrn_id               1 
_reflns.pdbx_ordinal                 1 
# 
_refine.entry_id                                 1D35 
_refine.ls_number_reflns_obs                     2599 
_refine.ls_number_reflns_all                     ? 
_refine.pdbx_ls_sigma_I                          ? 
_refine.pdbx_ls_sigma_F                          2.000 
_refine.pdbx_data_cutoff_high_absF               ? 
_refine.pdbx_data_cutoff_low_absF                ? 
_refine.pdbx_data_cutoff_high_rms_absF           ? 
_refine.ls_d_res_low                             ? 
_refine.ls_d_res_high                            1.300 
_refine.ls_percent_reflns_obs                    ? 
_refine.ls_R_factor_obs                          0.174 
_refine.ls_R_factor_all                          ? 
_refine.ls_R_factor_R_work                       ? 
_refine.ls_R_factor_R_free                       ? 
_refine.ls_R_factor_R_free_error                 ? 
_refine.ls_R_factor_R_free_error_details         ? 
_refine.ls_percent_reflns_R_free                 ? 
_refine.ls_number_reflns_R_free                  ? 
_refine.ls_number_parameters                     ? 
_refine.ls_number_restraints                     ? 
_refine.occupancy_min                            ? 
_refine.occupancy_max                            ? 
_refine.B_iso_mean                               ? 
_refine.aniso_B[1][1]                            ? 
_refine.aniso_B[2][2]                            ? 
_refine.aniso_B[3][3]                            ? 
_refine.aniso_B[1][2]                            ? 
_refine.aniso_B[1][3]                            ? 
_refine.aniso_B[2][3]                            ? 
_refine.solvent_model_details                    ? 
_refine.solvent_model_param_ksol                 ? 
_refine.solvent_model_param_bsol                 ? 
_refine.pdbx_ls_cross_valid_method               ? 
_refine.details                                  ? 
_refine.pdbx_starting_model                      ? 
_refine.pdbx_method_to_determine_struct          ? 
_refine.pdbx_isotropic_thermal_model             ? 
_refine.pdbx_stereochemistry_target_values       ? 
_refine.pdbx_stereochem_target_val_spec_case     ? 
_refine.pdbx_R_Free_selection_details            ? 
_refine.pdbx_overall_ESU_R                       ? 
_refine.pdbx_overall_ESU_R_Free                  ? 
_refine.overall_SU_ML                            ? 
_refine.overall_SU_B                             ? 
_refine.pdbx_refine_id                           'X-RAY DIFFRACTION' 
_refine.pdbx_diffrn_id                           1 
_refine.pdbx_TLS_residual_ADP_flag               ? 
_refine.correlation_coeff_Fo_to_Fc               ? 
_refine.correlation_coeff_Fo_to_Fc_free          ? 
_refine.pdbx_solvent_vdw_probe_radii             ? 
_refine.pdbx_solvent_ion_probe_radii             ? 
_refine.pdbx_solvent_shrinkage_radii             ? 
_refine.pdbx_overall_phase_error                 ? 
_refine.overall_SU_R_Cruickshank_DPI             ? 
_refine.pdbx_overall_SU_R_free_Cruickshank_DPI   ? 
_refine.pdbx_overall_SU_R_Blow_DPI               ? 
_refine.pdbx_overall_SU_R_free_Blow_DPI          ? 
# 
_refine_hist.pdbx_refine_id                   'X-RAY DIFFRACTION' 
_refine_hist.cycle_id                         LAST 
_refine_hist.pdbx_number_atoms_protein        0 
_refine_hist.pdbx_number_atoms_nucleic_acid   120 
_refine_hist.pdbx_number_atoms_ligand         50 
_refine_hist.number_atoms_solvent             68 
_refine_hist.number_atoms_total               238 
_refine_hist.d_res_high                       1.300 
_refine_hist.d_res_low                        . 
# 
_struct.entry_id                  1D35 
_struct.title                     
;FACILE FORMATION OF A CROSSLINKED ADDUCT BETWEEN DNA AND THE DAUNORUBICIN DERIVATIVE MAR70 MEDIATED BY FORMALDEHYDE: MOLECULAR STRUCTURE OF THE MAR70-D(CGTNACG) COVALENT ADDUC
;
_struct.pdbx_model_details        ? 
_struct.pdbx_CASP_flag            ? 
_struct.pdbx_model_type_details   ? 
# 
_struct_keywords.entry_id        1D35 
_struct_keywords.pdbx_keywords   DNA 
_struct_keywords.text            'RIGHT HANDED DNA, DOUBLE HELIX, COMPLEXED WITH DRUG, MODIFIED, DNA' 
# 
loop_
_struct_asym.id 
_struct_asym.pdbx_blank_PDB_chainid_flag 
_struct_asym.pdbx_modified 
_struct_asym.entity_id 
_struct_asym.details 
A N N 1 ? 
B N N 2 ? 
C N N 3 ? 
D N N 4 ? 
# 
_struct_ref.id                         1 
_struct_ref.entity_id                  1 
_struct_ref.db_name                    PDB 
_struct_ref.db_code                    1D35 
_struct_ref.pdbx_db_accession          1D35 
_struct_ref.pdbx_db_isoform            ? 
_struct_ref.pdbx_seq_one_letter_code   ? 
_struct_ref.pdbx_align_begin           ? 
# 
_struct_ref_seq.align_id                      1 
_struct_ref_seq.ref_id                        1 
_struct_ref_seq.pdbx_PDB_id_code              1D35 
_struct_ref_seq.pdbx_strand_id                A 
_struct_ref_seq.seq_align_beg                 1 
_struct_ref_seq.pdbx_seq_align_beg_ins_code   ? 
_struct_ref_seq.seq_align_end                 6 
_struct_ref_seq.pdbx_seq_align_end_ins_code   ? 
_struct_ref_seq.pdbx_db_accession             1D35 
_struct_ref_seq.db_align_beg                  1 
_struct_ref_seq.pdbx_db_align_beg_ins_code    ? 
_struct_ref_seq.db_align_end                  6 
_struct_ref_seq.pdbx_db_align_end_ins_code    ? 
_struct_ref_seq.pdbx_auth_seq_align_beg       1 
_struct_ref_seq.pdbx_auth_seq_align_end       6 
# 
_pdbx_struct_assembly.id                   1 
_pdbx_struct_assembly.details              author_defined_assembly 
_pdbx_struct_assembly.method_details       ? 
_pdbx_struct_assembly.oligomeric_details   dimeric 
_pdbx_struct_assembly.oligomeric_count     2 
# 
_pdbx_struct_assembly_gen.assembly_id       1 
_pdbx_struct_assembly_gen.oper_expression   1,2 
_pdbx_struct_assembly_gen.asym_id_list      A,B,C,D 
# 
loop_
_pdbx_struct_oper_list.id 
_pdbx_struct_oper_list.type 
_pdbx_struct_oper_list.name 
_pdbx_struct_oper_list.symmetry_operation 
_pdbx_struct_oper_list.matrix[1][1] 
_pdbx_struct_oper_list.matrix[1][2] 
_pdbx_struct_oper_list.matrix[1][3] 
_pdbx_struct_oper_list.vector[1] 
_pdbx_struct_oper_list.matrix[2][1] 
_pdbx_struct_oper_list.matrix[2][2] 
_pdbx_struct_oper_list.matrix[2][3] 
_pdbx_struct_oper_list.vector[2] 
_pdbx_struct_oper_list.matrix[3][1] 
_pdbx_struct_oper_list.matrix[3][2] 
_pdbx_struct_oper_list.matrix[3][3] 
_pdbx_struct_oper_list.vector[3] 
1 'identity operation'         1_555 x,y,z            1.0000000000  0.0000000000 0.0000000000 0.0000000000 0.0000000000 1.0000000000  0.0000000000 0.0000000000 0.0000000000 0.0000000000 1.0000000000 0.0000000000  
2 'crystal symmetry operation' 8_665 -y+1,-x+1,-z+1/2 -0.9751163627 0.1440164745 0.1685447547 6.4921809515 0.1440164745 -0.1664906281 0.9754691824 0.7119765385 0.1685447547 0.9754691824 0.1416069908 -1.5668563980 
# 
_struct_biol.id   1 
# 
loop_
_struct_conn.id 
_struct_conn.conn_type_id 
_struct_conn.pdbx_leaving_atom_flag 
_struct_conn.pdbx_PDB_id 
_struct_conn.ptnr1_label_asym_id 
_struct_conn.ptnr1_label_comp_id 
_struct_conn.ptnr1_label_seq_id 
_struct_conn.ptnr1_label_atom_id 
_struct_conn.pdbx_ptnr1_label_alt_id 
_struct_conn.pdbx_ptnr1_PDB_ins_code 
_struct_conn.pdbx_ptnr1_standard_comp_id 
_struct_conn.ptnr1_symmetry 
_struct_conn.ptnr2_label_asym_id 
_struct_conn.ptnr2_label_comp_id 
_struct_conn.ptnr2_label_seq_id 
_struct_conn.ptnr2_label_atom_id 
_struct_conn.pdbx_ptnr2_label_alt_id 
_struct_conn.pdbx_ptnr2_PDB_ins_code 
_struct_conn.ptnr1_auth_asym_id 
_struct_conn.ptnr1_auth_comp_id 
_struct_conn.ptnr1_auth_seq_id 
_struct_conn.ptnr2_auth_asym_id 
_struct_conn.ptnr2_auth_comp_id 
_struct_conn.ptnr2_auth_seq_id 
_struct_conn.ptnr2_symmetry 
_struct_conn.pdbx_ptnr3_label_atom_id 
_struct_conn.pdbx_ptnr3_label_seq_id 
_struct_conn.pdbx_ptnr3_label_comp_id 
_struct_conn.pdbx_ptnr3_label_asym_id 
_struct_conn.pdbx_ptnr3_label_alt_id 
_struct_conn.pdbx_ptnr3_PDB_ins_code 
_struct_conn.details 
_struct_conn.pdbx_dist_value 
_struct_conn.pdbx_value_order 
_struct_conn.pdbx_role 
covale1  covale both ? A DT  3 "O3'" ? ? ? 1_555 A A40 4 P     ? ? A DT  3 A A40 4  1_555 ? ? ? ? ? ? ?            1.605 ? ? 
covale2  covale one  ? A A40 4 "O3'" ? ? ? 1_555 A DC  5 P     ? ? A A40 4 A DC  5  1_555 ? ? ? ? ? ? ?            1.604 ? ? 
covale3  covale none ? A A40 4 CH2   ? ? ? 1_555 B MAR . "N3'" ? ? A A40 4 A MAR 7  1_555 ? ? ? ? ? ? ?            1.495 ? ? 
metalc1  metalc ?    ? A DG  6 N7    ? ? ? 1_555 C MG  . MG    ? ? A DG  6 A MG  8  1_555 ? ? ? ? ? ? ?            2.748 ? ? 
metalc2  metalc ?    ? B MAR . O6    ? ? ? 1_555 C MG  . MG    ? ? A MAR 7 A MG  8  1_555 ? ? ? ? ? ? ?            3.028 ? ? 
metalc3  metalc ?    ? B MAR . O4    ? ? ? 1_555 C MG  . MG    ? ? A MAR 7 A MG  8  1_555 ? ? ? ? ? ? ?            2.929 ? ? 
metalc4  metalc ?    ? C MG  . MG    ? ? ? 1_555 D HOH . O     ? ? A MG  8 A HOH 9  1_555 ? ? ? ? ? ? ?            2.990 ? ? 
metalc5  metalc ?    ? C MG  . MG    ? ? ? 1_555 D HOH . O     ? ? A MG  8 A HOH 10 1_555 ? ? ? ? ? ? ?            2.866 ? ? 
metalc6  metalc ?    ? C MG  . MG    ? ? ? 1_555 D HOH . O     ? ? A MG  8 A HOH 11 1_555 ? ? ? ? ? ? ?            2.797 ? ? 
hydrog1  hydrog ?    ? A DC  1 N3    ? ? ? 1_555 A DG  6 N1    ? ? A DC  1 A DG  6  8_665 ? ? ? ? ? ? WATSON-CRICK ?     ? ? 
hydrog2  hydrog ?    ? A DC  1 N4    ? ? ? 1_555 A DG  6 O6    ? ? A DC  1 A DG  6  8_665 ? ? ? ? ? ? WATSON-CRICK ?     ? ? 
hydrog3  hydrog ?    ? A DC  1 O2    ? ? ? 1_555 A DG  6 N2    ? ? A DC  1 A DG  6  8_665 ? ? ? ? ? ? WATSON-CRICK ?     ? ? 
hydrog4  hydrog ?    ? A DG  2 N1    ? ? ? 1_555 A DC  5 N3    ? ? A DG  2 A DC  5  8_665 ? ? ? ? ? ? WATSON-CRICK ?     ? ? 
hydrog5  hydrog ?    ? A DG  2 N2    ? ? ? 1_555 A DC  5 O2    ? ? A DG  2 A DC  5  8_665 ? ? ? ? ? ? WATSON-CRICK ?     ? ? 
hydrog6  hydrog ?    ? A DG  2 O6    ? ? ? 1_555 A DC  5 N4    ? ? A DG  2 A DC  5  8_665 ? ? ? ? ? ? WATSON-CRICK ?     ? ? 
hydrog7  hydrog ?    ? A DT  3 N3    ? ? ? 1_555 A A40 4 N1    ? ? A DT  3 A A40 4  8_665 ? ? ? ? ? ? WATSON-CRICK ?     ? ? 
hydrog8  hydrog ?    ? A DT  3 O4    ? ? ? 1_555 A A40 4 N6    ? ? A DT  3 A A40 4  8_665 ? ? ? ? ? ? WATSON-CRICK ?     ? ? 
hydrog9  hydrog ?    ? A A40 4 N1    ? ? ? 1_555 A DT  3 N3    ? ? A A40 4 A DT  3  8_665 ? ? ? ? ? ? WATSON-CRICK ?     ? ? 
hydrog10 hydrog ?    ? A A40 4 N6    ? ? ? 1_555 A DT  3 O4    ? ? A A40 4 A DT  3  8_665 ? ? ? ? ? ? WATSON-CRICK ?     ? ? 
hydrog11 hydrog ?    ? A DC  5 N3    ? ? ? 1_555 A DG  2 N1    ? ? A DC  5 A DG  2  8_665 ? ? ? ? ? ? WATSON-CRICK ?     ? ? 
hydrog12 hydrog ?    ? A DC  5 N4    ? ? ? 1_555 A DG  2 O6    ? ? A DC  5 A DG  2  8_665 ? ? ? ? ? ? WATSON-CRICK ?     ? ? 
hydrog13 hydrog ?    ? A DC  5 O2    ? ? ? 1_555 A DG  2 N2    ? ? A DC  5 A DG  2  8_665 ? ? ? ? ? ? WATSON-CRICK ?     ? ? 
hydrog14 hydrog ?    ? A DG  6 N1    ? ? ? 1_555 A DC  1 N3    ? ? A DG  6 A DC  1  8_665 ? ? ? ? ? ? WATSON-CRICK ?     ? ? 
hydrog15 hydrog ?    ? A DG  6 N2    ? ? ? 1_555 A DC  1 O2    ? ? A DG  6 A DC  1  8_665 ? ? ? ? ? ? WATSON-CRICK ?     ? ? 
hydrog16 hydrog ?    ? A DG  6 O6    ? ? ? 1_555 A DC  1 N4    ? ? A DG  6 A DC  1  8_665 ? ? ? ? ? ? WATSON-CRICK ?     ? ? 
# 
loop_
_struct_conn_type.id 
_struct_conn_type.criteria 
_struct_conn_type.reference 
covale ? ? 
metalc ? ? 
hydrog ? ? 
# 
loop_
_pdbx_struct_conn_angle.id 
_pdbx_struct_conn_angle.ptnr1_label_atom_id 
_pdbx_struct_conn_angle.ptnr1_label_alt_id 
_pdbx_struct_conn_angle.ptnr1_label_asym_id 
_pdbx_struct_conn_angle.ptnr1_label_comp_id 
_pdbx_struct_conn_angle.ptnr1_label_seq_id 
_pdbx_struct_conn_angle.ptnr1_auth_atom_id 
_pdbx_struct_conn_angle.ptnr1_auth_asym_id 
_pdbx_struct_conn_angle.ptnr1_auth_comp_id 
_pdbx_struct_conn_angle.ptnr1_auth_seq_id 
_pdbx_struct_conn_angle.ptnr1_PDB_ins_code 
_pdbx_struct_conn_angle.ptnr1_symmetry 
_pdbx_struct_conn_angle.ptnr2_label_atom_id 
_pdbx_struct_conn_angle.ptnr2_label_alt_id 
_pdbx_struct_conn_angle.ptnr2_label_asym_id 
_pdbx_struct_conn_angle.ptnr2_label_comp_id 
_pdbx_struct_conn_angle.ptnr2_label_seq_id 
_pdbx_struct_conn_angle.ptnr2_auth_atom_id 
_pdbx_struct_conn_angle.ptnr2_auth_asym_id 
_pdbx_struct_conn_angle.ptnr2_auth_comp_id 
_pdbx_struct_conn_angle.ptnr2_auth_seq_id 
_pdbx_struct_conn_angle.ptnr2_PDB_ins_code 
_pdbx_struct_conn_angle.ptnr2_symmetry 
_pdbx_struct_conn_angle.ptnr3_label_atom_id 
_pdbx_struct_conn_angle.ptnr3_label_alt_id 
_pdbx_struct_conn_angle.ptnr3_label_asym_id 
_pdbx_struct_conn_angle.ptnr3_label_comp_id 
_pdbx_struct_conn_angle.ptnr3_label_seq_id 
_pdbx_struct_conn_angle.ptnr3_auth_atom_id 
_pdbx_struct_conn_angle.ptnr3_auth_asym_id 
_pdbx_struct_conn_angle.ptnr3_auth_comp_id 
_pdbx_struct_conn_angle.ptnr3_auth_seq_id 
_pdbx_struct_conn_angle.ptnr3_PDB_ins_code 
_pdbx_struct_conn_angle.ptnr3_symmetry 
_pdbx_struct_conn_angle.value 
_pdbx_struct_conn_angle.value_esd 
1  N7 ? A DG  6 ? A DG  6  ? 1_555 MG ? C MG . ? A MG 8 ? 1_555 O6 ? B MAR . ? A MAR 7  ? 1_555 75.5  ? 
2  N7 ? A DG  6 ? A DG  6  ? 1_555 MG ? C MG . ? A MG 8 ? 1_555 O4 ? B MAR . ? A MAR 7  ? 1_555 124.5 ? 
3  O6 ? B MAR . ? A MAR 7  ? 1_555 MG ? C MG . ? A MG 8 ? 1_555 O4 ? B MAR . ? A MAR 7  ? 1_555 51.3  ? 
4  N7 ? A DG  6 ? A DG  6  ? 1_555 MG ? C MG . ? A MG 8 ? 1_555 O  ? D HOH . ? A HOH 9  ? 1_555 89.7  ? 
5  O6 ? B MAR . ? A MAR 7  ? 1_555 MG ? C MG . ? A MG 8 ? 1_555 O  ? D HOH . ? A HOH 9  ? 1_555 95.0  ? 
6  O4 ? B MAR . ? A MAR 7  ? 1_555 MG ? C MG . ? A MG 8 ? 1_555 O  ? D HOH . ? A HOH 9  ? 1_555 81.1  ? 
7  N7 ? A DG  6 ? A DG  6  ? 1_555 MG ? C MG . ? A MG 8 ? 1_555 O  ? D HOH . ? A HOH 10 ? 1_555 105.2 ? 
8  O6 ? B MAR . ? A MAR 7  ? 1_555 MG ? C MG . ? A MG 8 ? 1_555 O  ? D HOH . ? A HOH 10 ? 1_555 106.1 ? 
9  O4 ? B MAR . ? A MAR 7  ? 1_555 MG ? C MG . ? A MG 8 ? 1_555 O  ? D HOH . ? A HOH 10 ? 1_555 104.0 ? 
10 O  ? D HOH . ? A HOH 9  ? 1_555 MG ? C MG . ? A MG 8 ? 1_555 O  ? D HOH . ? A HOH 10 ? 1_555 156.6 ? 
11 N7 ? A DG  6 ? A DG  6  ? 1_555 MG ? C MG . ? A MG 8 ? 1_555 O  ? D HOH . ? A HOH 11 ? 1_555 112.7 ? 
12 O6 ? B MAR . ? A MAR 7  ? 1_555 MG ? C MG . ? A MG 8 ? 1_555 O  ? D HOH . ? A HOH 11 ? 1_555 153.6 ? 
13 O4 ? B MAR . ? A MAR 7  ? 1_555 MG ? C MG . ? A MG 8 ? 1_555 O  ? D HOH . ? A HOH 11 ? 1_555 109.9 ? 
14 O  ? D HOH . ? A HOH 9  ? 1_555 MG ? C MG . ? A MG 8 ? 1_555 O  ? D HOH . ? A HOH 11 ? 1_555 61.2  ? 
15 O  ? D HOH . ? A HOH 10 ? 1_555 MG ? C MG . ? A MG 8 ? 1_555 O  ? D HOH . ? A HOH 11 ? 1_555 96.0  ? 
# 
loop_
_struct_site.id 
_struct_site.pdbx_evidence_code 
_struct_site.pdbx_auth_asym_id 
_struct_site.pdbx_auth_comp_id 
_struct_site.pdbx_auth_seq_id 
_struct_site.pdbx_auth_ins_code 
_struct_site.pdbx_num_residues 
_struct_site.details 
AC1 Software A MAR 7 ? 12 'BINDING SITE FOR RESIDUE MAR A 7' 
AC2 Software A MG  8 ? 5  'BINDING SITE FOR RESIDUE MG A 8'  
1   ?        ? ?   ? ? ?  ?                                  
# 
loop_
_struct_site_gen.id 
_struct_site_gen.site_id 
_struct_site_gen.pdbx_num_res 
_struct_site_gen.label_comp_id 
_struct_site_gen.label_asym_id 
_struct_site_gen.label_seq_id 
_struct_site_gen.pdbx_auth_ins_code 
_struct_site_gen.auth_comp_id 
_struct_site_gen.auth_asym_id 
_struct_site_gen.auth_seq_id 
_struct_site_gen.label_atom_id 
_struct_site_gen.label_alt_id 
_struct_site_gen.symmetry 
_struct_site_gen.details 
1  AC1 12 DC  A 1 ? DC  A 1  . ? 8_665 ? 
2  AC1 12 DG  A 2 ? DG  A 2  . ? 8_665 ? 
3  AC1 12 DT  A 3 ? DT  A 3  . ? 8_665 ? 
4  AC1 12 A40 A 4 ? A40 A 4  . ? 1_555 ? 
5  AC1 12 A40 A 4 ? A40 A 4  . ? 8_665 ? 
6  AC1 12 DC  A 5 ? DC  A 5  . ? 1_555 ? 
7  AC1 12 DG  A 6 ? DG  A 6  . ? 1_555 ? 
8  AC1 12 MG  C . ? MG  A 8  . ? 1_555 ? 
9  AC1 12 HOH D . ? HOH A 17 . ? 1_555 ? 
10 AC1 12 HOH D . ? HOH A 38 . ? 1_555 ? 
11 AC1 12 HOH D . ? HOH A 69 . ? 1_555 ? 
12 AC1 12 HOH D . ? HOH A 74 . ? 1_555 ? 
13 AC2 5  DG  A 6 ? DG  A 6  . ? 1_555 ? 
14 AC2 5  MAR B . ? MAR A 7  . ? 1_555 ? 
15 AC2 5  HOH D . ? HOH A 9  . ? 1_555 ? 
16 AC2 5  HOH D . ? HOH A 10 . ? 1_555 ? 
17 AC2 5  HOH D . ? HOH A 11 . ? 1_555 ? 
# 
loop_
_pdbx_validate_close_contact.id 
_pdbx_validate_close_contact.PDB_model_num 
_pdbx_validate_close_contact.auth_atom_id_1 
_pdbx_validate_close_contact.auth_asym_id_1 
_pdbx_validate_close_contact.auth_comp_id_1 
_pdbx_validate_close_contact.auth_seq_id_1 
_pdbx_validate_close_contact.PDB_ins_code_1 
_pdbx_validate_close_contact.label_alt_id_1 
_pdbx_validate_close_contact.auth_atom_id_2 
_pdbx_validate_close_contact.auth_asym_id_2 
_pdbx_validate_close_contact.auth_comp_id_2 
_pdbx_validate_close_contact.auth_seq_id_2 
_pdbx_validate_close_contact.PDB_ins_code_2 
_pdbx_validate_close_contact.label_alt_id_2 
_pdbx_validate_close_contact.dist 
1 1 OP2 A DC  5  ? ? O A HOH 63 ? ? 2.00 
2 1 O   A HOH 36 ? ? O A HOH 63 ? ? 2.19 
# 
_pdbx_validate_symm_contact.id                1 
_pdbx_validate_symm_contact.PDB_model_num     1 
_pdbx_validate_symm_contact.auth_atom_id_1    O 
_pdbx_validate_symm_contact.auth_asym_id_1    A 
_pdbx_validate_symm_contact.auth_comp_id_1    HOH 
_pdbx_validate_symm_contact.auth_seq_id_1     73 
_pdbx_validate_symm_contact.PDB_ins_code_1    ? 
_pdbx_validate_symm_contact.label_alt_id_1    ? 
_pdbx_validate_symm_contact.site_symmetry_1   1_555 
_pdbx_validate_symm_contact.auth_atom_id_2    O 
_pdbx_validate_symm_contact.auth_asym_id_2    A 
_pdbx_validate_symm_contact.auth_comp_id_2    HOH 
_pdbx_validate_symm_contact.auth_seq_id_2     76 
_pdbx_validate_symm_contact.PDB_ins_code_2    ? 
_pdbx_validate_symm_contact.label_alt_id_2    ? 
_pdbx_validate_symm_contact.site_symmetry_2   5_555 
_pdbx_validate_symm_contact.dist              2.00 
# 
loop_
_pdbx_validate_rmsd_angle.id 
_pdbx_validate_rmsd_angle.PDB_model_num 
_pdbx_validate_rmsd_angle.auth_atom_id_1 
_pdbx_validate_rmsd_angle.auth_asym_id_1 
_pdbx_validate_rmsd_angle.auth_comp_id_1 
_pdbx_validate_rmsd_angle.auth_seq_id_1 
_pdbx_validate_rmsd_angle.PDB_ins_code_1 
_pdbx_validate_rmsd_angle.label_alt_id_1 
_pdbx_validate_rmsd_angle.auth_atom_id_2 
_pdbx_validate_rmsd_angle.auth_asym_id_2 
_pdbx_validate_rmsd_angle.auth_comp_id_2 
_pdbx_validate_rmsd_angle.auth_seq_id_2 
_pdbx_validate_rmsd_angle.PDB_ins_code_2 
_pdbx_validate_rmsd_angle.label_alt_id_2 
_pdbx_validate_rmsd_angle.auth_atom_id_3 
_pdbx_validate_rmsd_angle.auth_asym_id_3 
_pdbx_validate_rmsd_angle.auth_comp_id_3 
_pdbx_validate_rmsd_angle.auth_seq_id_3 
_pdbx_validate_rmsd_angle.PDB_ins_code_3 
_pdbx_validate_rmsd_angle.label_alt_id_3 
_pdbx_validate_rmsd_angle.angle_value 
_pdbx_validate_rmsd_angle.angle_target_value 
_pdbx_validate_rmsd_angle.angle_deviation 
_pdbx_validate_rmsd_angle.angle_standard_deviation 
_pdbx_validate_rmsd_angle.linker_flag 
1 1 "C3'" A DC 1 ? ? "O3'" A DC 1 ? ? P     A DG 2 ? ? 128.54 119.70 8.84  1.20 Y 
2 1 "C3'" A DG 2 ? ? "C2'" A DG 2 ? ? "C1'" A DG 2 ? ? 96.63  102.40 -5.77 0.80 N 
3 1 "O4'" A DG 2 ? ? "C1'" A DG 2 ? ? N9    A DG 2 ? ? 112.75 108.30 4.45  0.30 N 
4 1 C5    A DG 2 ? ? C6    A DG 2 ? ? N1    A DG 2 ? ? 115.22 111.50 3.72  0.50 N 
5 1 C2    A DT 3 ? ? N3    A DT 3 ? ? C4    A DT 3 ? ? 122.98 127.20 -4.22 0.60 N 
6 1 "O5'" A DC 5 ? ? "C5'" A DC 5 ? ? "C4'" A DC 5 ? ? 104.20 109.40 -5.20 0.80 N 
7 1 "O4'" A DC 5 ? ? "C1'" A DC 5 ? ? N1    A DC 5 ? ? 116.78 108.30 8.48  0.30 N 
8 1 C5    A DG 6 ? ? C6    A DG 6 ? ? O6    A DG 6 ? ? 124.07 128.60 -4.53 0.60 N 
# 
_pdbx_struct_mod_residue.id               1 
_pdbx_struct_mod_residue.label_asym_id    A 
_pdbx_struct_mod_residue.label_comp_id    A40 
_pdbx_struct_mod_residue.label_seq_id     4 
_pdbx_struct_mod_residue.auth_asym_id     A 
_pdbx_struct_mod_residue.auth_comp_id     A40 
_pdbx_struct_mod_residue.auth_seq_id      4 
_pdbx_struct_mod_residue.PDB_ins_code     ? 
_pdbx_struct_mod_residue.parent_comp_id   DA 
_pdbx_struct_mod_residue.details          ? 
# 
_struct_site_keywords.site_id   1 
_struct_site_keywords.text      'INTERCALATION, COVALENT' 
# 
loop_
_refine_B_iso.class 
_refine_B_iso.details 
_refine_B_iso.treatment 
_refine_B_iso.pdbx_refine_id 
'ALL ATOMS'  TR isotropic 'X-RAY DIFFRACTION' 
'ALL IONS'   TR isotropic 'X-RAY DIFFRACTION' 
'ALL WATERS' TR isotropic 'X-RAY DIFFRACTION' 
# 
loop_
_refine_occupancy.class 
_refine_occupancy.treatment 
_refine_occupancy.pdbx_refine_id 
'ALL ATOMS'  fix 'X-RAY DIFFRACTION' 
'ALL IONS'   fix 'X-RAY DIFFRACTION' 
'ALL WATERS' fix 'X-RAY DIFFRACTION' 
# 
loop_
_chem_comp_atom.comp_id 
_chem_comp_atom.atom_id 
_chem_comp_atom.type_symbol 
_chem_comp_atom.pdbx_aromatic_flag 
_chem_comp_atom.pdbx_stereo_config 
_chem_comp_atom.pdbx_ordinal 
A40 N1     N  Y N 1   
A40 C2     C  Y N 2   
A40 C4     C  Y N 3   
A40 C5     C  Y N 4   
A40 C6     C  Y N 5   
A40 C8     C  Y N 6   
A40 N2     N  N N 7   
A40 N3     N  Y N 8   
A40 N9     N  Y N 9   
A40 N7     N  Y N 10  
A40 N6     N  N N 11  
A40 P      P  N N 12  
A40 O1P    O  N N 13  
A40 O2P    O  N N 14  
A40 "O5'"  O  N N 15  
A40 "C5'"  C  N N 16  
A40 "C4'"  C  N R 17  
A40 "O4'"  O  N N 18  
A40 "C1'"  C  N R 19  
A40 "C2'"  C  N N 20  
A40 "C3'"  C  N S 21  
A40 "O3'"  O  N N 22  
A40 O3P    O  N N 23  
A40 CH2    C  N N 24  
A40 H8     H  N N 25  
A40 H2     H  N N 26  
A40 H6N1   H  N N 27  
A40 H6N2   H  N N 28  
A40 H2P    H  N N 29  
A40 "H5'1" H  N N 30  
A40 "H5'2" H  N N 31  
A40 "H4'"  H  N N 32  
A40 "H1'"  H  N N 33  
A40 "H2'1" H  N N 34  
A40 "H2'2" H  N N 35  
A40 "H3'"  H  N N 36  
A40 HA     H  N N 37  
A40 H3P    H  N N 38  
A40 HH21   H  N N 39  
A40 HH22   H  N N 40  
A40 HH23   H  N N 41  
DC  OP3    O  N N 42  
DC  P      P  N N 43  
DC  OP1    O  N N 44  
DC  OP2    O  N N 45  
DC  "O5'"  O  N N 46  
DC  "C5'"  C  N N 47  
DC  "C4'"  C  N R 48  
DC  "O4'"  O  N N 49  
DC  "C3'"  C  N S 50  
DC  "O3'"  O  N N 51  
DC  "C2'"  C  N N 52  
DC  "C1'"  C  N R 53  
DC  N1     N  N N 54  
DC  C2     C  N N 55  
DC  O2     O  N N 56  
DC  N3     N  N N 57  
DC  C4     C  N N 58  
DC  N4     N  N N 59  
DC  C5     C  N N 60  
DC  C6     C  N N 61  
DC  HOP3   H  N N 62  
DC  HOP2   H  N N 63  
DC  "H5'"  H  N N 64  
DC  "H5''" H  N N 65  
DC  "H4'"  H  N N 66  
DC  "H3'"  H  N N 67  
DC  "HO3'" H  N N 68  
DC  "H2'"  H  N N 69  
DC  "H2''" H  N N 70  
DC  "H1'"  H  N N 71  
DC  H41    H  N N 72  
DC  H42    H  N N 73  
DC  H5     H  N N 74  
DC  H6     H  N N 75  
DG  OP3    O  N N 76  
DG  P      P  N N 77  
DG  OP1    O  N N 78  
DG  OP2    O  N N 79  
DG  "O5'"  O  N N 80  
DG  "C5'"  C  N N 81  
DG  "C4'"  C  N R 82  
DG  "O4'"  O  N N 83  
DG  "C3'"  C  N S 84  
DG  "O3'"  O  N N 85  
DG  "C2'"  C  N N 86  
DG  "C1'"  C  N R 87  
DG  N9     N  Y N 88  
DG  C8     C  Y N 89  
DG  N7     N  Y N 90  
DG  C5     C  Y N 91  
DG  C6     C  N N 92  
DG  O6     O  N N 93  
DG  N1     N  N N 94  
DG  C2     C  N N 95  
DG  N2     N  N N 96  
DG  N3     N  N N 97  
DG  C4     C  Y N 98  
DG  HOP3   H  N N 99  
DG  HOP2   H  N N 100 
DG  "H5'"  H  N N 101 
DG  "H5''" H  N N 102 
DG  "H4'"  H  N N 103 
DG  "H3'"  H  N N 104 
DG  "HO3'" H  N N 105 
DG  "H2'"  H  N N 106 
DG  "H2''" H  N N 107 
DG  "H1'"  H  N N 108 
DG  H8     H  N N 109 
DG  H1     H  N N 110 
DG  H21    H  N N 111 
DG  H22    H  N N 112 
DT  OP3    O  N N 113 
DT  P      P  N N 114 
DT  OP1    O  N N 115 
DT  OP2    O  N N 116 
DT  "O5'"  O  N N 117 
DT  "C5'"  C  N N 118 
DT  "C4'"  C  N R 119 
DT  "O4'"  O  N N 120 
DT  "C3'"  C  N S 121 
DT  "O3'"  O  N N 122 
DT  "C2'"  C  N N 123 
DT  "C1'"  C  N R 124 
DT  N1     N  N N 125 
DT  C2     C  N N 126 
DT  O2     O  N N 127 
DT  N3     N  N N 128 
DT  C4     C  N N 129 
DT  O4     O  N N 130 
DT  C5     C  N N 131 
DT  C7     C  N N 132 
DT  C6     C  N N 133 
DT  HOP3   H  N N 134 
DT  HOP2   H  N N 135 
DT  "H5'"  H  N N 136 
DT  "H5''" H  N N 137 
DT  "H4'"  H  N N 138 
DT  "H3'"  H  N N 139 
DT  "HO3'" H  N N 140 
DT  "H2'"  H  N N 141 
DT  "H2''" H  N N 142 
DT  "H1'"  H  N N 143 
DT  H3     H  N N 144 
DT  H71    H  N N 145 
DT  H72    H  N N 146 
DT  H73    H  N N 147 
DT  H6     H  N N 148 
HOH O      O  N N 149 
HOH H1     H  N N 150 
HOH H2     H  N N 151 
MAR C1     C  Y N 152 
MAR C2     C  Y N 153 
MAR C3     C  Y N 154 
MAR C4     C  Y N 155 
MAR O4     O  N N 156 
MAR C5     C  Y N 157 
MAR C6     C  N N 158 
MAR O6     O  N N 159 
MAR C7     C  Y N 160 
MAR C8     C  Y N 161 
MAR O8     O  N N 162 
MAR C9     C  Y N 163 
MAR C10    C  N S 164 
MAR O10    O  N N 165 
MAR C11    C  N N 166 
MAR C12    C  N S 167 
MAR O12    O  N N 168 
MAR C13    C  N N 169 
MAR O13    O  N N 170 
MAR C14    C  N N 171 
MAR C15    C  N N 172 
MAR C16    C  Y N 173 
MAR C17    C  Y N 174 
MAR O17    O  N N 175 
MAR C18    C  Y N 176 
MAR C19    C  N N 177 
MAR O19    O  N N 178 
MAR C20    C  Y N 179 
MAR C21    C  N N 180 
MAR "C1'"  C  N R 181 
MAR "C2'"  C  N N 182 
MAR "C3'"  C  N S 183 
MAR "N3'"  N  N N 184 
MAR "C4'"  C  N S 185 
MAR "O4'"  O  N N 186 
MAR "C5'"  C  N S 187 
MAR "O5'"  O  N N 188 
MAR "C6'"  C  N N 189 
MAR CB1    C  N S 190 
MAR CB2    C  N N 191 
MAR CB3    C  N S 192 
MAR OB3    O  N N 193 
MAR CB4    C  N R 194 
MAR OB4    O  N N 195 
MAR CB5    C  N S 196 
MAR OB5    O  N N 197 
MAR CB6    C  N N 198 
MAR H1     H  N N 199 
MAR H2     H  N N 200 
MAR H3     H  N N 201 
MAR HO8    H  N N 202 
MAR H10    H  N N 203 
MAR H111   H  N N 204 
MAR H112   H  N N 205 
MAR HO12   H  N N 206 
MAR H141   H  N N 207 
MAR H142   H  N N 208 
MAR H143   H  N N 209 
MAR H151   H  N N 210 
MAR H152   H  N N 211 
MAR HO17   H  N N 212 
MAR H211   H  N N 213 
MAR H212   H  N N 214 
MAR H213   H  N N 215 
MAR "H1'"  H  N N 216 
MAR "H2'1" H  N N 217 
MAR "H2'2" H  N N 218 
MAR "H3'"  H  N N 219 
MAR "HN'1" H  N N 220 
MAR "HN'2" H  N N 221 
MAR "H4'"  H  N N 222 
MAR "H5'"  H  N N 223 
MAR "H6'1" H  N N 224 
MAR "H6'2" H  N N 225 
MAR "H6'3" H  N N 226 
MAR HB1    H  N N 227 
MAR HB21   H  N N 228 
MAR HB22   H  N N 229 
MAR HB3    H  N N 230 
MAR HOB3   H  N N 231 
MAR HB4    H  N N 232 
MAR HOB4   H  N N 233 
MAR HB5    H  N N 234 
MAR HB61   H  N N 235 
MAR HB62   H  N N 236 
MAR HB63   H  N N 237 
MG  MG     MG N N 238 
# 
loop_
_chem_comp_bond.comp_id 
_chem_comp_bond.atom_id_1 
_chem_comp_bond.atom_id_2 
_chem_comp_bond.value_order 
_chem_comp_bond.pdbx_aromatic_flag 
_chem_comp_bond.pdbx_stereo_config 
_chem_comp_bond.pdbx_ordinal 
A40 N1    C2     doub Y N 1   
A40 N1    C6     sing Y N 2   
A40 C2    N2     sing N N 3   
A40 C2    N3     sing Y N 4   
A40 C4    C5     sing Y N 5   
A40 C4    N3     doub Y N 6   
A40 C4    N9     sing Y N 7   
A40 C5    C6     doub Y N 8   
A40 C5    N7     sing Y N 9   
A40 C6    N6     sing N N 10  
A40 C8    N9     sing Y N 11  
A40 C8    N7     doub Y N 12  
A40 C8    H8     sing N N 13  
A40 N2    CH2    sing N N 14  
A40 N2    H2     sing N N 15  
A40 N9    "C1'"  sing N N 16  
A40 N6    H6N1   sing N N 17  
A40 N6    H6N2   sing N N 18  
A40 P     O1P    doub N N 19  
A40 P     O2P    sing N N 20  
A40 P     "O5'"  sing N N 21  
A40 P     O3P    sing N N 22  
A40 O2P   H2P    sing N N 23  
A40 "O5'" "C5'"  sing N N 24  
A40 "C5'" "C4'"  sing N N 25  
A40 "C5'" "H5'1" sing N N 26  
A40 "C5'" "H5'2" sing N N 27  
A40 "C4'" "O4'"  sing N N 28  
A40 "C4'" "C3'"  sing N N 29  
A40 "C4'" "H4'"  sing N N 30  
A40 "O4'" "C1'"  sing N N 31  
A40 "C1'" "C2'"  sing N N 32  
A40 "C1'" "H1'"  sing N N 33  
A40 "C2'" "C3'"  sing N N 34  
A40 "C2'" "H2'1" sing N N 35  
A40 "C2'" "H2'2" sing N N 36  
A40 "C3'" "O3'"  sing N N 37  
A40 "C3'" "H3'"  sing N N 38  
A40 "O3'" HA     sing N N 39  
A40 O3P   H3P    sing N N 40  
A40 CH2   HH21   sing N N 41  
A40 CH2   HH22   sing N N 42  
A40 CH2   HH23   sing N N 43  
DC  OP3   P      sing N N 44  
DC  OP3   HOP3   sing N N 45  
DC  P     OP1    doub N N 46  
DC  P     OP2    sing N N 47  
DC  P     "O5'"  sing N N 48  
DC  OP2   HOP2   sing N N 49  
DC  "O5'" "C5'"  sing N N 50  
DC  "C5'" "C4'"  sing N N 51  
DC  "C5'" "H5'"  sing N N 52  
DC  "C5'" "H5''" sing N N 53  
DC  "C4'" "O4'"  sing N N 54  
DC  "C4'" "C3'"  sing N N 55  
DC  "C4'" "H4'"  sing N N 56  
DC  "O4'" "C1'"  sing N N 57  
DC  "C3'" "O3'"  sing N N 58  
DC  "C3'" "C2'"  sing N N 59  
DC  "C3'" "H3'"  sing N N 60  
DC  "O3'" "HO3'" sing N N 61  
DC  "C2'" "C1'"  sing N N 62  
DC  "C2'" "H2'"  sing N N 63  
DC  "C2'" "H2''" sing N N 64  
DC  "C1'" N1     sing N N 65  
DC  "C1'" "H1'"  sing N N 66  
DC  N1    C2     sing N N 67  
DC  N1    C6     sing N N 68  
DC  C2    O2     doub N N 69  
DC  C2    N3     sing N N 70  
DC  N3    C4     doub N N 71  
DC  C4    N4     sing N N 72  
DC  C4    C5     sing N N 73  
DC  N4    H41    sing N N 74  
DC  N4    H42    sing N N 75  
DC  C5    C6     doub N N 76  
DC  C5    H5     sing N N 77  
DC  C6    H6     sing N N 78  
DG  OP3   P      sing N N 79  
DG  OP3   HOP3   sing N N 80  
DG  P     OP1    doub N N 81  
DG  P     OP2    sing N N 82  
DG  P     "O5'"  sing N N 83  
DG  OP2   HOP2   sing N N 84  
DG  "O5'" "C5'"  sing N N 85  
DG  "C5'" "C4'"  sing N N 86  
DG  "C5'" "H5'"  sing N N 87  
DG  "C5'" "H5''" sing N N 88  
DG  "C4'" "O4'"  sing N N 89  
DG  "C4'" "C3'"  sing N N 90  
DG  "C4'" "H4'"  sing N N 91  
DG  "O4'" "C1'"  sing N N 92  
DG  "C3'" "O3'"  sing N N 93  
DG  "C3'" "C2'"  sing N N 94  
DG  "C3'" "H3'"  sing N N 95  
DG  "O3'" "HO3'" sing N N 96  
DG  "C2'" "C1'"  sing N N 97  
DG  "C2'" "H2'"  sing N N 98  
DG  "C2'" "H2''" sing N N 99  
DG  "C1'" N9     sing N N 100 
DG  "C1'" "H1'"  sing N N 101 
DG  N9    C8     sing Y N 102 
DG  N9    C4     sing Y N 103 
DG  C8    N7     doub Y N 104 
DG  C8    H8     sing N N 105 
DG  N7    C5     sing Y N 106 
DG  C5    C6     sing N N 107 
DG  C5    C4     doub Y N 108 
DG  C6    O6     doub N N 109 
DG  C6    N1     sing N N 110 
DG  N1    C2     sing N N 111 
DG  N1    H1     sing N N 112 
DG  C2    N2     sing N N 113 
DG  C2    N3     doub N N 114 
DG  N2    H21    sing N N 115 
DG  N2    H22    sing N N 116 
DG  N3    C4     sing N N 117 
DT  OP3   P      sing N N 118 
DT  OP3   HOP3   sing N N 119 
DT  P     OP1    doub N N 120 
DT  P     OP2    sing N N 121 
DT  P     "O5'"  sing N N 122 
DT  OP2   HOP2   sing N N 123 
DT  "O5'" "C5'"  sing N N 124 
DT  "C5'" "C4'"  sing N N 125 
DT  "C5'" "H5'"  sing N N 126 
DT  "C5'" "H5''" sing N N 127 
DT  "C4'" "O4'"  sing N N 128 
DT  "C4'" "C3'"  sing N N 129 
DT  "C4'" "H4'"  sing N N 130 
DT  "O4'" "C1'"  sing N N 131 
DT  "C3'" "O3'"  sing N N 132 
DT  "C3'" "C2'"  sing N N 133 
DT  "C3'" "H3'"  sing N N 134 
DT  "O3'" "HO3'" sing N N 135 
DT  "C2'" "C1'"  sing N N 136 
DT  "C2'" "H2'"  sing N N 137 
DT  "C2'" "H2''" sing N N 138 
DT  "C1'" N1     sing N N 139 
DT  "C1'" "H1'"  sing N N 140 
DT  N1    C2     sing N N 141 
DT  N1    C6     sing N N 142 
DT  C2    O2     doub N N 143 
DT  C2    N3     sing N N 144 
DT  N3    C4     sing N N 145 
DT  N3    H3     sing N N 146 
DT  C4    O4     doub N N 147 
DT  C4    C5     sing N N 148 
DT  C5    C7     sing N N 149 
DT  C5    C6     doub N N 150 
DT  C7    H71    sing N N 151 
DT  C7    H72    sing N N 152 
DT  C7    H73    sing N N 153 
DT  C6    H6     sing N N 154 
HOH O     H1     sing N N 155 
HOH O     H2     sing N N 156 
MAR C1    C2     doub Y N 157 
MAR C1    C20    sing Y N 158 
MAR C1    H1     sing N N 159 
MAR C2    C3     sing Y N 160 
MAR C2    H2     sing N N 161 
MAR C3    C4     doub Y N 162 
MAR C3    H3     sing N N 163 
MAR C4    O4     sing N N 164 
MAR C4    C5     sing Y N 165 
MAR O4    C21    sing N N 166 
MAR C5    C6     sing N N 167 
MAR C5    C20    doub Y N 168 
MAR C6    O6     doub N N 169 
MAR C6    C7     sing N N 170 
MAR C7    C8     doub Y N 171 
MAR C7    C18    sing Y N 172 
MAR C8    O8     sing N N 173 
MAR C8    C9     sing Y N 174 
MAR O8    HO8    sing N N 175 
MAR C9    C10    sing N N 176 
MAR C9    C16    doub Y N 177 
MAR C10   O10    sing N N 178 
MAR C10   C11    sing N N 179 
MAR C10   H10    sing N N 180 
MAR O10   "C1'"  sing N N 181 
MAR C11   C12    sing N N 182 
MAR C11   H111   sing N N 183 
MAR C11   H112   sing N N 184 
MAR C12   O12    sing N N 185 
MAR C12   C13    sing N N 186 
MAR C12   C15    sing N N 187 
MAR O12   HO12   sing N N 188 
MAR C13   O13    doub N N 189 
MAR C13   C14    sing N N 190 
MAR C14   H141   sing N N 191 
MAR C14   H142   sing N N 192 
MAR C14   H143   sing N N 193 
MAR C15   C16    sing N N 194 
MAR C15   H151   sing N N 195 
MAR C15   H152   sing N N 196 
MAR C16   C17    sing Y N 197 
MAR C17   O17    sing N N 198 
MAR C17   C18    doub Y N 199 
MAR O17   HO17   sing N N 200 
MAR C18   C19    sing N N 201 
MAR C19   O19    doub N N 202 
MAR C19   C20    sing N N 203 
MAR C21   H211   sing N N 204 
MAR C21   H212   sing N N 205 
MAR C21   H213   sing N N 206 
MAR "C1'" "C2'"  sing N N 207 
MAR "C1'" "O5'"  sing N N 208 
MAR "C1'" "H1'"  sing N N 209 
MAR "C2'" "C3'"  sing N N 210 
MAR "C2'" "H2'1" sing N N 211 
MAR "C2'" "H2'2" sing N N 212 
MAR "C3'" "N3'"  sing N N 213 
MAR "C3'" "C4'"  sing N N 214 
MAR "C3'" "H3'"  sing N N 215 
MAR "N3'" "HN'1" sing N N 216 
MAR "N3'" "HN'2" sing N N 217 
MAR "C4'" "O4'"  sing N N 218 
MAR "C4'" "C5'"  sing N N 219 
MAR "C4'" "H4'"  sing N N 220 
MAR "O4'" CB1    sing N N 221 
MAR "C5'" "O5'"  sing N N 222 
MAR "C5'" "C6'"  sing N N 223 
MAR "C5'" "H5'"  sing N N 224 
MAR "C6'" "H6'1" sing N N 225 
MAR "C6'" "H6'2" sing N N 226 
MAR "C6'" "H6'3" sing N N 227 
MAR CB1   CB2    sing N N 228 
MAR CB1   OB5    sing N N 229 
MAR CB1   HB1    sing N N 230 
MAR CB2   CB3    sing N N 231 
MAR CB2   HB21   sing N N 232 
MAR CB2   HB22   sing N N 233 
MAR CB3   OB3    sing N N 234 
MAR CB3   CB4    sing N N 235 
MAR CB3   HB3    sing N N 236 
MAR OB3   HOB3   sing N N 237 
MAR CB4   OB4    sing N N 238 
MAR CB4   CB5    sing N N 239 
MAR CB4   HB4    sing N N 240 
MAR OB4   HOB4   sing N N 241 
MAR CB5   OB5    sing N N 242 
MAR CB5   CB6    sing N N 243 
MAR CB5   HB5    sing N N 244 
MAR CB6   HB61   sing N N 245 
MAR CB6   HB62   sing N N 246 
MAR CB6   HB63   sing N N 247 
# 
_ndb_struct_conf_na.entry_id   1D35 
_ndb_struct_conf_na.feature    'b-form double helix' 
# 
loop_
_ndb_struct_na_base_pair.model_number 
_ndb_struct_na_base_pair.i_label_asym_id 
_ndb_struct_na_base_pair.i_label_comp_id 
_ndb_struct_na_base_pair.i_label_seq_id 
_ndb_struct_na_base_pair.i_symmetry 
_ndb_struct_na_base_pair.j_label_asym_id 
_ndb_struct_na_base_pair.j_label_comp_id 
_ndb_struct_na_base_pair.j_label_seq_id 
_ndb_struct_na_base_pair.j_symmetry 
_ndb_struct_na_base_pair.shear 
_ndb_struct_na_base_pair.stretch 
_ndb_struct_na_base_pair.stagger 
_ndb_struct_na_base_pair.buckle 
_ndb_struct_na_base_pair.propeller 
_ndb_struct_na_base_pair.opening 
_ndb_struct_na_base_pair.pair_number 
_ndb_struct_na_base_pair.pair_name 
_ndb_struct_na_base_pair.i_auth_asym_id 
_ndb_struct_na_base_pair.i_auth_seq_id 
_ndb_struct_na_base_pair.i_PDB_ins_code 
_ndb_struct_na_base_pair.j_auth_asym_id 
_ndb_struct_na_base_pair.j_auth_seq_id 
_ndb_struct_na_base_pair.j_PDB_ins_code 
_ndb_struct_na_base_pair.hbond_type_28 
_ndb_struct_na_base_pair.hbond_type_12 
1 A DC  1 1_555 A DG  6 8_665 0.160  -0.184 0.009  5.746   1.516  -2.666 1 A_DC1:DG6_A  A 1 ? A 6 ? 19 1 
1 A DG  2 1_555 A DC  5 8_665 -0.110 -0.082 -0.399 -18.335 3.010  0.271  2 A_DG2:DC5_A  A 2 ? A 5 ? 19 1 
1 A DT  3 1_555 A A40 4 8_665 -0.035 -0.122 -0.033 -3.943  -4.287 -3.209 3 A_DT3:A404_A A 3 ? A 4 ? 20 1 
1 A A40 4 1_555 A DT  3 8_665 0.035  -0.122 -0.033 3.943   -4.287 -3.209 4 A_A404:DT3_A A 4 ? A 3 ? 20 1 
1 A DC  5 1_555 A DG  2 8_665 0.110  -0.082 -0.399 18.335  3.010  0.271  5 A_DC5:DG2_A  A 5 ? A 2 ? 19 1 
1 A DG  6 1_555 A DC  1 8_665 -0.160 -0.184 0.009  -5.746  1.516  -2.666 6 A_DG6:DC1_A  A 6 ? A 1 ? 19 1 
# 
loop_
_ndb_struct_na_base_pair_step.model_number 
_ndb_struct_na_base_pair_step.i_label_asym_id_1 
_ndb_struct_na_base_pair_step.i_label_comp_id_1 
_ndb_struct_na_base_pair_step.i_label_seq_id_1 
_ndb_struct_na_base_pair_step.i_symmetry_1 
_ndb_struct_na_base_pair_step.j_label_asym_id_1 
_ndb_struct_na_base_pair_step.j_label_comp_id_1 
_ndb_struct_na_base_pair_step.j_label_seq_id_1 
_ndb_struct_na_base_pair_step.j_symmetry_1 
_ndb_struct_na_base_pair_step.i_label_asym_id_2 
_ndb_struct_na_base_pair_step.i_label_comp_id_2 
_ndb_struct_na_base_pair_step.i_label_seq_id_2 
_ndb_struct_na_base_pair_step.i_symmetry_2 
_ndb_struct_na_base_pair_step.j_label_asym_id_2 
_ndb_struct_na_base_pair_step.j_label_comp_id_2 
_ndb_struct_na_base_pair_step.j_label_seq_id_2 
_ndb_struct_na_base_pair_step.j_symmetry_2 
_ndb_struct_na_base_pair_step.shift 
_ndb_struct_na_base_pair_step.slide 
_ndb_struct_na_base_pair_step.rise 
_ndb_struct_na_base_pair_step.tilt 
_ndb_struct_na_base_pair_step.roll 
_ndb_struct_na_base_pair_step.twist 
_ndb_struct_na_base_pair_step.x_displacement 
_ndb_struct_na_base_pair_step.y_displacement 
_ndb_struct_na_base_pair_step.helical_rise 
_ndb_struct_na_base_pair_step.inclination 
_ndb_struct_na_base_pair_step.tip 
_ndb_struct_na_base_pair_step.helical_twist 
_ndb_struct_na_base_pair_step.step_number 
_ndb_struct_na_base_pair_step.step_name 
_ndb_struct_na_base_pair_step.i_auth_asym_id_1 
_ndb_struct_na_base_pair_step.i_auth_seq_id_1 
_ndb_struct_na_base_pair_step.i_PDB_ins_code_1 
_ndb_struct_na_base_pair_step.j_auth_asym_id_1 
_ndb_struct_na_base_pair_step.j_auth_seq_id_1 
_ndb_struct_na_base_pair_step.j_PDB_ins_code_1 
_ndb_struct_na_base_pair_step.i_auth_asym_id_2 
_ndb_struct_na_base_pair_step.i_auth_seq_id_2 
_ndb_struct_na_base_pair_step.i_PDB_ins_code_2 
_ndb_struct_na_base_pair_step.j_auth_asym_id_2 
_ndb_struct_na_base_pair_step.j_auth_seq_id_2 
_ndb_struct_na_base_pair_step.j_PDB_ins_code_2 
1 A DC  1 1_555 A DG  6 8_665 A DG  2 1_555 A DC  5 8_665 1.102  1.196  7.099 2.046  -2.698 35.429 2.808  -1.158 7.043 -4.421 
-3.352 35.585 1 AA_DC1DG2:DC5DG6_AA   A 1 ? A 6 ? A 2 ? A 5 ? 
1 A DG  2 1_555 A DC  5 8_665 A DT  3 1_555 A A40 4 8_665 -1.336 -0.031 3.057 -3.391 -2.702 29.255 0.489  1.928  3.178 -5.314 
6.667  29.568 2 AA_DG2DT3:A404DC5_AA  A 2 ? A 5 ? A 3 ? A 4 ? 
1 A DT  3 1_555 A A40 4 8_665 A A40 4 1_555 A DT  3 8_665 0.000  -0.293 3.236 0.000  9.166  34.804 -1.755 0.000  3.064 15.004 
0.000  35.954 3 AA_DT3A404:DT3A404_AA A 3 ? A 4 ? A 4 ? A 3 ? 
1 A A40 4 1_555 A DT  3 8_665 A DC  5 1_555 A DG  2 8_665 1.336  -0.031 3.057 3.391  -2.702 29.255 0.489  -1.928 3.178 -5.314 
-6.667 29.568 4 AA_A404DC5:DG2DT3_AA  A 4 ? A 3 ? A 5 ? A 2 ? 
1 A DC  5 1_555 A DG  2 8_665 A DG  6 1_555 A DC  1 8_665 -1.102 1.196  7.099 -2.046 -2.698 35.429 2.808  1.158  7.043 -4.421 
3.352  35.585 5 AA_DC5DG6:DC1DG2_AA   A 5 ? A 2 ? A 6 ? A 1 ? 
# 
_atom_sites.entry_id                    1D35 
_atom_sites.fract_transf_matrix[1][1]   -0.00374677 
_atom_sites.fract_transf_matrix[1][2]   -0.00173766 
_atom_sites.fract_transf_matrix[1][3]   0.03532136 
_atom_sites.fract_transf_matrix[2][1]   -0.00935651 
_atom_sites.fract_transf_matrix[2][2]   -0.03420460 
_atom_sites.fract_transf_matrix[2][3]   -0.00267522 
_atom_sites.fract_transf_matrix[3][1]   0.01810107 
_atom_sites.fract_transf_matrix[3][2]   -0.00508209 
_atom_sites.fract_transf_matrix[3][3]   0.00167008 
_atom_sites.fract_transf_vector[1]      0.573757 
_atom_sites.fract_transf_vector[2]      0.507152 
_atom_sites.fract_transf_vector[3]      0.194359 
# 
loop_
_atom_type.symbol 
C  
MG 
N  
O  
P  
# 
loop_
_atom_site.group_PDB 
_atom_site.id 
_atom_site.type_symbol 
_atom_site.label_atom_id 
_atom_site.label_alt_id 
_atom_site.label_comp_id 
_atom_site.label_asym_id 
_atom_site.label_entity_id 
_atom_site.label_seq_id 
_atom_site.pdbx_PDB_ins_code 
_atom_site.Cartn_x 
_atom_site.Cartn_y 
_atom_site.Cartn_z 
_atom_site.occupancy 
_atom_site.B_iso_or_equiv 
_atom_site.pdbx_formal_charge 
_atom_site.auth_seq_id 
_atom_site.auth_comp_id 
_atom_site.auth_asym_id 
_atom_site.auth_atom_id 
_atom_site.pdbx_PDB_model_num 
ATOM   1   O  "O5'" . DC  A 1 1 ? 11.228  -8.582  -6.047  1.00 12.10 ? 1  DC  A "O5'" 1 
ATOM   2   C  "C5'" . DC  A 1 1 ? 11.746  -9.879  -5.736  1.00 11.61 ? 1  DC  A "C5'" 1 
ATOM   3   C  "C4'" . DC  A 1 1 ? 12.032  -9.968  -4.255  1.00 11.44 ? 1  DC  A "C4'" 1 
ATOM   4   O  "O4'" . DC  A 1 1 ? 13.100  -9.078  -3.959  1.00 11.13 ? 1  DC  A "O4'" 1 
ATOM   5   C  "C3'" . DC  A 1 1 ? 10.900  -9.613  -3.302  1.00 11.47 ? 1  DC  A "C3'" 1 
ATOM   6   O  "O3'" . DC  A 1 1 ? 10.832  -10.536 -2.204  1.00 11.91 ? 1  DC  A "O3'" 1 
ATOM   7   C  "C2'" . DC  A 1 1 ? 11.252  -8.190  -2.846  1.00 11.14 ? 1  DC  A "C2'" 1 
ATOM   8   C  "C1'" . DC  A 1 1 ? 12.788  -8.234  -2.869  1.00 10.64 ? 1  DC  A "C1'" 1 
ATOM   9   N  N1    . DC  A 1 1 ? 13.306  -6.888  -3.125  1.00 10.18 ? 1  DC  A N1    1 
ATOM   10  C  C2    . DC  A 1 1 ? 13.546  -6.050  -2.047  1.00 9.86  ? 1  DC  A C2    1 
ATOM   11  O  O2    . DC  A 1 1 ? 13.350  -6.456  -0.910  1.00 9.84  ? 1  DC  A O2    1 
ATOM   12  N  N3    . DC  A 1 1 ? 13.970  -4.791  -2.323  1.00 9.49  ? 1  DC  A N3    1 
ATOM   13  C  C4    . DC  A 1 1 ? 14.168  -4.344  -3.591  1.00 9.68  ? 1  DC  A C4    1 
ATOM   14  N  N4    . DC  A 1 1 ? 14.559  -3.105  -3.806  1.00 9.59  ? 1  DC  A N4    1 
ATOM   15  C  C5    . DC  A 1 1 ? 13.937  -5.220  -4.703  1.00 9.77  ? 1  DC  A C5    1 
ATOM   16  C  C6    . DC  A 1 1 ? 13.509  -6.453  -4.413  1.00 9.93  ? 1  DC  A C6    1 
ATOM   17  P  P     . DG  A 1 2 ? 9.618   -11.450 -1.756  1.00 14.66 ? 2  DG  A P     1 
ATOM   18  O  OP1   . DG  A 1 2 ? 10.131  -12.391 -0.790  1.00 15.31 ? 2  DG  A OP1   1 
ATOM   19  O  OP2   . DG  A 1 2 ? 8.831   -11.905 -2.943  1.00 14.70 ? 2  DG  A OP2   1 
ATOM   20  O  "O5'" . DG  A 1 2 ? 8.668   -10.338 -1.026  1.00 13.01 ? 2  DG  A "O5'" 1 
ATOM   21  C  "C5'" . DG  A 1 2 ? 9.013   -9.858  0.294   1.00 12.30 ? 2  DG  A "C5'" 1 
ATOM   22  C  "C4'" . DG  A 1 2 ? 7.989   -8.807  0.648   1.00 12.16 ? 2  DG  A "C4'" 1 
ATOM   23  O  "O4'" . DG  A 1 2 ? 8.219   -7.621  -0.108  1.00 11.64 ? 2  DG  A "O4'" 1 
ATOM   24  C  "C3'" . DG  A 1 2 ? 6.539   -9.181  0.374   1.00 12.05 ? 2  DG  A "C3'" 1 
ATOM   25  O  "O3'" . DG  A 1 2 ? 5.685   -8.659  1.395   1.00 13.05 ? 2  DG  A "O3'" 1 
ATOM   26  C  "C2'" . DG  A 1 2 ? 6.267   -8.509  -0.984  1.00 11.86 ? 2  DG  A "C2'" 1 
ATOM   27  C  "C1'" . DG  A 1 2 ? 6.969   -7.188  -0.672  1.00 11.28 ? 2  DG  A "C1'" 1 
ATOM   28  N  N9    . DG  A 1 2 ? 7.142   -6.318  -1.826  1.00 10.42 ? 2  DG  A N9    1 
ATOM   29  C  C8    . DG  A 1 2 ? 7.153   -6.599  -3.163  1.00 10.46 ? 2  DG  A C8    1 
ATOM   30  N  N7    . DG  A 1 2 ? 7.336   -5.546  -3.916  1.00 10.30 ? 2  DG  A N7    1 
ATOM   31  C  C5    . DG  A 1 2 ? 7.404   -4.478  -3.023  1.00 9.83  ? 2  DG  A C5    1 
ATOM   32  C  C6    . DG  A 1 2 ? 7.607   -3.089  -3.208  1.00 9.68  ? 2  DG  A C6    1 
ATOM   33  O  O6    . DG  A 1 2 ? 7.757   -2.481  -4.292  1.00 9.49  ? 2  DG  A O6    1 
ATOM   34  N  N1    . DG  A 1 2 ? 7.676   -2.350  -2.055  1.00 9.31  ? 2  DG  A N1    1 
ATOM   35  C  C2    . DG  A 1 2 ? 7.533   -2.925  -0.824  1.00 9.19  ? 2  DG  A C2    1 
ATOM   36  N  N2    . DG  A 1 2 ? 7.623   -2.099  0.225   1.00 8.86  ? 2  DG  A N2    1 
ATOM   37  N  N3    . DG  A 1 2 ? 7.319   -4.225  -0.608  1.00 9.51  ? 2  DG  A N3    1 
ATOM   38  C  C4    . DG  A 1 2 ? 7.295   -4.940  -1.742  1.00 10.02 ? 2  DG  A C4    1 
ATOM   39  P  P     . DT  A 1 3 ? 4.336   -9.339  1.915   1.00 17.28 ? 3  DT  A P     1 
ATOM   40  O  OP1   . DT  A 1 3 ? 4.658   -10.690 2.461   1.00 17.27 ? 3  DT  A OP1   1 
ATOM   41  O  OP2   . DT  A 1 3 ? 3.427   -9.259  0.745   1.00 17.12 ? 3  DT  A OP2   1 
ATOM   42  O  "O5'" . DT  A 1 3 ? 3.893   -8.394  3.118   1.00 13.26 ? 3  DT  A "O5'" 1 
ATOM   43  C  "C5'" . DT  A 1 3 ? 4.828   -7.947  4.109   1.00 12.54 ? 3  DT  A "C5'" 1 
ATOM   44  C  "C4'" . DT  A 1 3 ? 4.676   -6.441  4.232   1.00 12.12 ? 3  DT  A "C4'" 1 
ATOM   45  O  "O4'" . DT  A 1 3 ? 5.093   -5.797  3.054   1.00 11.72 ? 3  DT  A "O4'" 1 
ATOM   46  C  "C3'" . DT  A 1 3 ? 3.255   -5.935  4.528   1.00 11.92 ? 3  DT  A "C3'" 1 
ATOM   47  O  "O3'" . DT  A 1 3 ? 3.198   -5.463  5.870   1.00 12.25 ? 3  DT  A "O3'" 1 
ATOM   48  C  "C2'" . DT  A 1 3 ? 3.012   -4.819  3.544   1.00 11.82 ? 3  DT  A "C2'" 1 
ATOM   49  C  "C1'" . DT  A 1 3 ? 4.331   -4.559  2.909   1.00 11.40 ? 3  DT  A "C1'" 1 
ATOM   50  N  N1    . DT  A 1 3 ? 4.201   -4.277  1.471   1.00 10.89 ? 3  DT  A N1    1 
ATOM   51  C  C2    . DT  A 1 3 ? 4.460   -2.968  1.092   1.00 10.58 ? 3  DT  A C2    1 
ATOM   52  O  O2    . DT  A 1 3 ? 4.752   -2.143  1.937   1.00 10.56 ? 3  DT  A O2    1 
ATOM   53  N  N3    . DT  A 1 3 ? 4.392   -2.662  -0.233  1.00 10.39 ? 3  DT  A N3    1 
ATOM   54  C  C4    . DT  A 1 3 ? 4.101   -3.582  -1.192  1.00 10.32 ? 3  DT  A C4    1 
ATOM   55  O  O4    . DT  A 1 3 ? 4.090   -3.205  -2.387  1.00 9.92  ? 3  DT  A O4    1 
ATOM   56  C  C5    . DT  A 1 3 ? 3.825   -4.921  -0.784  1.00 10.42 ? 3  DT  A C5    1 
ATOM   57  C  C7    . DT  A 1 3 ? 3.488   -5.955  -1.833  1.00 10.52 ? 3  DT  A C7    1 
ATOM   58  C  C6    . DT  A 1 3 ? 3.907   -5.225  0.524   1.00 10.73 ? 3  DT  A C6    1 
HETATM 59  N  N1    . A40 A 1 4 ? 1.571   0.432   -0.836  1.00 9.51  ? 4  A40 A N1    1 
HETATM 60  C  C2    . A40 A 1 4 ? 1.645   1.246   0.234   1.00 9.54  ? 4  A40 A C2    1 
HETATM 61  C  C4    . A40 A 1 4 ? 1.217   -0.430  1.624   1.00 9.54  ? 4  A40 A C4    1 
HETATM 62  C  C5    . A40 A 1 4 ? 1.141   -1.350  0.613   1.00 9.39  ? 4  A40 A C5    1 
HETATM 63  C  C6    . A40 A 1 4 ? 1.309   -0.899  -0.725  1.00 9.43  ? 4  A40 A C6    1 
HETATM 64  C  C8    . A40 A 1 4 ? 0.786   -2.439  2.400   1.00 9.57  ? 4  A40 A C8    1 
HETATM 65  N  N2    . A40 A 1 4 ? 1.902   2.545   -0.028  1.00 9.99  ? 4  A40 A N2    1 
HETATM 66  N  N3    . A40 A 1 4 ? 1.462   0.900   1.525   1.00 9.64  ? 4  A40 A N3    1 
HETATM 67  N  N9    . A40 A 1 4 ? 0.972   -1.140  2.789   1.00 9.65  ? 4  A40 A N9    1 
HETATM 68  N  N7    . A40 A 1 4 ? 0.853   -2.627  1.098   1.00 9.54  ? 4  A40 A N7    1 
HETATM 69  N  N6    . A40 A 1 4 ? 1.249   -1.659  -1.797  1.00 9.30  ? 4  A40 A N6    1 
HETATM 70  P  P     . A40 A 1 4 ? 1.860   -5.048  6.654   1.00 14.09 ? 4  A40 A P     1 
HETATM 71  O  O1P   . A40 A 1 4 ? 2.263   -5.031  8.091   1.00 14.47 ? 4  A40 A O1P   1 
HETATM 72  O  O2P   . A40 A 1 4 ? 0.838   -5.920  6.161   1.00 14.91 ? 4  A40 A O2P   1 
HETATM 73  O  "O5'" . A40 A 1 4 ? 1.616   -3.550  6.077   1.00 11.07 ? 4  A40 A "O5'" 1 
HETATM 74  C  "C5'" . A40 A 1 4 ? 2.468   -2.577  6.693   1.00 10.39 ? 4  A40 A "C5'" 1 
HETATM 75  C  "C4'" . A40 A 1 4 ? 2.036   -1.241  6.150   1.00 10.35 ? 4  A40 A "C4'" 1 
HETATM 76  O  "O4'" . A40 A 1 4 ? 2.223   -1.149  4.767   1.00 10.15 ? 4  A40 A "O4'" 1 
HETATM 77  C  "C1'" . A40 A 1 4 ? 1.013   -0.606  4.150   1.00 9.85  ? 4  A40 A "C1'" 1 
HETATM 78  C  "C2'" . A40 A 1 4 ? -0.086  -1.070  5.061   1.00 10.15 ? 4  A40 A "C2'" 1 
HETATM 79  C  "C3'" . A40 A 1 4 ? 0.539   -0.937  6.419   1.00 10.32 ? 4  A40 A "C3'" 1 
HETATM 80  O  "O3'" . A40 A 1 4 ? 0.466   0.357   7.022   1.00 11.09 ? 4  A40 A "O3'" 1 
HETATM 81  C  CH2   . A40 A 1 4 ? 1.907   3.342   1.194   1.00 10.34 ? 4  A40 A CH2   1 
ATOM   82  P  P     . DC  A 1 5 ? -0.884  1.025   7.574   1.00 14.65 ? 5  DC  A P     1 
ATOM   83  O  OP1   . DC  A 1 5 ? -0.561  2.048   8.570   1.00 14.79 ? 5  DC  A OP1   1 
ATOM   84  O  OP2   . DC  A 1 5 ? -1.663  -0.171  7.947   1.00 14.87 ? 5  DC  A OP2   1 
ATOM   85  O  "O5'" . DC  A 1 5 ? -1.594  1.656   6.287   1.00 11.19 ? 5  DC  A "O5'" 1 
ATOM   86  C  "C5'" . DC  A 1 5 ? -1.062  2.909   5.784   1.00 10.82 ? 5  DC  A "C5'" 1 
ATOM   87  C  "C4'" . DC  A 1 5 ? -1.895  3.199   4.547   1.00 10.63 ? 5  DC  A "C4'" 1 
ATOM   88  O  "O4'" . DC  A 1 5 ? -1.454  2.308   3.522   1.00 10.46 ? 5  DC  A "O4'" 1 
ATOM   89  C  "C3'" . DC  A 1 5 ? -3.407  3.009   4.672   1.00 10.70 ? 5  DC  A "C3'" 1 
ATOM   90  O  "O3'" . DC  A 1 5 ? -4.130  4.081   4.042   1.00 11.01 ? 5  DC  A "O3'" 1 
ATOM   91  C  "C2'" . DC  A 1 5 ? -3.659  1.694   3.943   1.00 10.40 ? 5  DC  A "C2'" 1 
ATOM   92  C  "C1'" . DC  A 1 5 ? -2.586  1.852   2.847   1.00 10.26 ? 5  DC  A "C1'" 1 
ATOM   93  N  N1    . DC  A 1 5 ? -2.445  0.612   2.091   1.00 9.92  ? 5  DC  A N1    1 
ATOM   94  C  C2    . DC  A 1 5 ? -2.026  0.797   0.763   1.00 9.72  ? 5  DC  A C2    1 
ATOM   95  O  O2    . DC  A 1 5 ? -1.680  1.918   0.427   1.00 9.54  ? 5  DC  A O2    1 
ATOM   96  N  N3    . DC  A 1 5 ? -2.000  -0.278  -0.044  1.00 9.69  ? 5  DC  A N3    1 
ATOM   97  C  C4    . DC  A 1 5 ? -2.327  -1.533  0.401   1.00 9.71  ? 5  DC  A C4    1 
ATOM   98  N  N4    . DC  A 1 5 ? -2.277  -2.560  -0.454  1.00 9.72  ? 5  DC  A N4    1 
ATOM   99  C  C5    . DC  A 1 5 ? -2.761  -1.715  1.742   1.00 9.89  ? 5  DC  A C5    1 
ATOM   100 C  C6    . DC  A 1 5 ? -2.790  -0.633  2.533   1.00 9.85  ? 5  DC  A C6    1 
ATOM   101 P  P     . DG  A 1 6 ? -4.703  5.312   4.888   1.00 13.69 ? 6  DG  A P     1 
ATOM   102 O  OP1   . DG  A 1 6 ? -3.727  5.985   5.758   1.00 14.10 ? 6  DG  A OP1   1 
ATOM   103 O  OP2   . DG  A 1 6 ? -5.880  4.681   5.548   1.00 15.37 ? 6  DG  A OP2   1 
ATOM   104 O  "O5'" . DG  A 1 6 ? -5.174  6.341   3.728   1.00 11.65 ? 6  DG  A "O5'" 1 
ATOM   105 C  "C5'" . DG  A 1 6 ? -4.243  7.128   2.976   1.00 10.62 ? 6  DG  A "C5'" 1 
ATOM   106 C  "C4'" . DG  A 1 6 ? -4.977  7.875   1.890   1.00 10.45 ? 6  DG  A "C4'" 1 
ATOM   107 O  "O4'" . DG  A 1 6 ? -5.562  7.013   0.940   1.00 10.22 ? 6  DG  A "O4'" 1 
ATOM   108 C  "C3'" . DG  A 1 6 ? -6.136  8.742   2.413   1.00 10.17 ? 6  DG  A "C3'" 1 
ATOM   109 O  "O3'" . DG  A 1 6 ? -6.220  9.951   1.679   1.00 10.60 ? 6  DG  A "O3'" 1 
ATOM   110 C  "C2'" . DG  A 1 6 ? -7.325  7.793   2.295   1.00 10.08 ? 6  DG  A "C2'" 1 
ATOM   111 C  "C1'" . DG  A 1 6 ? -7.026  7.078   1.011   1.00 9.80  ? 6  DG  A "C1'" 1 
ATOM   112 N  N9    . DG  A 1 6 ? -7.508  5.696   0.957   1.00 9.36  ? 6  DG  A N9    1 
ATOM   113 C  C8    . DG  A 1 6 ? -7.768  4.827   1.960   1.00 9.53  ? 6  DG  A C8    1 
ATOM   114 N  N7    . DG  A 1 6 ? -8.061  3.614   1.558   1.00 9.62  ? 6  DG  A N7    1 
ATOM   115 C  C5    . DG  A 1 6 ? -7.994  3.710   0.174   1.00 9.28  ? 6  DG  A C5    1 
ATOM   116 C  C6    . DG  A 1 6 ? -8.221  2.741   -0.852  1.00 9.15  ? 6  DG  A C6    1 
ATOM   117 O  O6    . DG  A 1 6 ? -8.564  1.572   -0.638  1.00 9.40  ? 6  DG  A O6    1 
ATOM   118 N  N1    . DG  A 1 6 ? -8.036  3.203   -2.109  1.00 8.97  ? 6  DG  A N1    1 
ATOM   119 C  C2    . DG  A 1 6 ? -7.667  4.487   -2.384  1.00 8.84  ? 6  DG  A C2    1 
ATOM   120 N  N2    . DG  A 1 6 ? -7.517  4.813   -3.671  1.00 8.79  ? 6  DG  A N2    1 
ATOM   121 N  N3    . DG  A 1 6 ? -7.432  5.444   -1.471  1.00 8.87  ? 6  DG  A N3    1 
ATOM   122 C  C4    . DG  A 1 6 ? -7.642  4.971   -0.220  1.00 9.24  ? 6  DG  A C4    1 
HETATM 123 C  C1    . MAR B 2 . ? -5.984  -2.558  -1.643  1.00 10.77 ? 7  MAR A C1    1 
HETATM 124 C  C2    . MAR B 2 . ? -6.301  -3.373  -0.564  1.00 10.96 ? 7  MAR A C2    1 
HETATM 125 C  C3    . MAR B 2 . ? -6.300  -2.883  0.794   1.00 11.09 ? 7  MAR A C3    1 
HETATM 126 C  C4    . MAR B 2 . ? -5.995  -1.465  1.029   1.00 10.77 ? 7  MAR A C4    1 
HETATM 127 O  O4    . MAR B 2 . ? -5.971  -0.907  2.220   1.00 11.23 ? 7  MAR A O4    1 
HETATM 128 C  C5    . MAR B 2 . ? -5.686  -0.710  -0.139  1.00 10.55 ? 7  MAR A C5    1 
HETATM 129 C  C6    . MAR B 2 . ? -5.382  0.751   0.051   1.00 10.08 ? 7  MAR A C6    1 
HETATM 130 O  O6    . MAR B 2 . ? -5.363  1.354   1.133   1.00 10.59 ? 7  MAR A O6    1 
HETATM 131 C  C7    . MAR B 2 . ? -5.054  1.540   -1.170  1.00 9.84  ? 7  MAR A C7    1 
HETATM 132 C  C8    . MAR B 2 . ? -4.731  2.878   -1.019  1.00 9.58  ? 7  MAR A C8    1 
HETATM 133 O  O8    . MAR B 2 . ? -4.672  3.473   0.146   1.00 9.71  ? 7  MAR A O8    1 
HETATM 134 C  C9    . MAR B 2 . ? -4.447  3.618   -2.198  1.00 9.63  ? 7  MAR A C9    1 
HETATM 135 C  C10   . MAR B 2 . ? -4.017  5.116   -2.005  1.00 10.09 ? 7  MAR A C10   1 
HETATM 136 O  O10   . MAR B 2 . ? -2.747  4.888   -1.250  1.00 10.37 ? 7  MAR A O10   1 
HETATM 137 C  C11   . MAR B 2 . ? -3.814  5.858   -3.266  1.00 9.99  ? 7  MAR A C11   1 
HETATM 138 C  C12   . MAR B 2 . ? -3.321  5.077   -4.456  1.00 10.22 ? 7  MAR A C12   1 
HETATM 139 O  O12   . MAR B 2 . ? -1.936  4.598   -4.222  1.00 9.86  ? 7  MAR A O12   1 
HETATM 140 C  C13   . MAR B 2 . ? -3.190  5.921   -5.702  1.00 10.34 ? 7  MAR A C13   1 
HETATM 141 O  O13   . MAR B 2 . ? -4.169  6.048   -6.442  1.00 11.25 ? 7  MAR A O13   1 
HETATM 142 C  C14   . MAR B 2 . ? -1.928  6.733   -6.021  1.00 10.74 ? 7  MAR A C14   1 
HETATM 143 C  C15   . MAR B 2 . ? -4.170  3.791   -4.745  1.00 9.76  ? 7  MAR A C15   1 
HETATM 144 C  C16   . MAR B 2 . ? -4.457  3.102   -3.490  1.00 9.63  ? 7  MAR A C16   1 
HETATM 145 C  C17   . MAR B 2 . ? -4.786  1.738   -3.592  1.00 9.51  ? 7  MAR A C17   1 
HETATM 146 O  O17   . MAR B 2 . ? -4.820  1.162   -4.858  1.00 9.71  ? 7  MAR A O17   1 
HETATM 147 C  C18   . MAR B 2 . ? -5.087  0.919   -2.526  1.00 9.76  ? 7  MAR A C18   1 
HETATM 148 C  C19   . MAR B 2 . ? -5.417  -0.491  -2.639  1.00 10.00 ? 7  MAR A C19   1 
HETATM 149 O  O19   . MAR B 2 . ? -5.479  -1.091  -3.723  1.00 10.35 ? 7  MAR A O19   1 
HETATM 150 C  C20   . MAR B 2 . ? -5.708  -1.204  -1.408  1.00 10.38 ? 7  MAR A C20   1 
HETATM 151 C  C21   . MAR B 2 . ? -6.065  -1.807  3.439   1.00 11.30 ? 7  MAR A C21   1 
HETATM 152 C  "C1'" . MAR B 2 . ? -2.327  5.779   -0.276  1.00 11.15 ? 7  MAR A "C1'" 1 
HETATM 153 C  "C2'" . MAR B 2 . ? -1.531  5.119   0.815   1.00 11.30 ? 7  MAR A "C2'" 1 
HETATM 154 C  "C3'" . MAR B 2 . ? -0.158  4.616   0.277   1.00 11.75 ? 7  MAR A "C3'" 1 
HETATM 155 N  "N3'" . MAR B 2 . ? 0.645   4.093   1.474   1.00 11.14 ? 7  MAR A "N3'" 1 
HETATM 156 C  "C4'" . MAR B 2 . ? 0.578   5.782   -0.386  1.00 12.19 ? 7  MAR A "C4'" 1 
HETATM 157 O  "O4'" . MAR B 2 . ? 0.963   6.713   0.674   1.00 13.72 ? 7  MAR A "O4'" 1 
HETATM 158 C  "C5'" . MAR B 2 . ? -0.245  6.353   -1.519  1.00 12.04 ? 7  MAR A "C5'" 1 
HETATM 159 O  "O5'" . MAR B 2 . ? -1.548  6.868   -0.921  1.00 11.46 ? 7  MAR A "O5'" 1 
HETATM 160 C  "C6'" . MAR B 2 . ? 0.326   7.608   -2.212  1.00 11.93 ? 7  MAR A "C6'" 1 
HETATM 161 C  CB1   . MAR B 2 . ? 2.129   7.494   0.417   1.00 14.90 ? 7  MAR A CB1   1 
HETATM 162 C  CB2   . MAR B 2 . ? 2.077   8.816   1.103   1.00 15.59 ? 7  MAR A CB2   1 
HETATM 163 C  CB3   . MAR B 2 . ? 2.256   8.740   2.650   1.00 16.08 ? 7  MAR A CB3   1 
HETATM 164 O  OB3   . MAR B 2 . ? 2.466   10.177  3.008   1.00 16.75 ? 7  MAR A OB3   1 
HETATM 165 C  CB4   . MAR B 2 . ? 3.482   7.890   2.993   1.00 16.09 ? 7  MAR A CB4   1 
HETATM 166 O  OB4   . MAR B 2 . ? 3.565   7.860   4.469   1.00 16.84 ? 7  MAR A OB4   1 
HETATM 167 C  CB5   . MAR B 2 . ? 3.371   6.519   2.362   1.00 15.88 ? 7  MAR A CB5   1 
HETATM 168 O  OB5   . MAR B 2 . ? 3.305   6.718   0.872   1.00 15.44 ? 7  MAR A OB5   1 
HETATM 169 C  CB6   . MAR B 2 . ? 4.629   5.631   2.550   1.00 15.92 ? 7  MAR A CB6   1 
HETATM 170 MG MG    . MG  C 3 . ? -7.757  1.285   2.985   1.00 22.67 ? 8  MG  A MG    1 
HETATM 171 O  O     . HOH D 4 . ? -9.546  -0.117  1.042   1.00 25.55 ? 9  HOH A O     1 
HETATM 172 O  O     . HOH D 4 . ? -6.794  2.097   5.558   1.00 27.72 ? 10 HOH A O     1 
HETATM 173 O  O     . HOH D 4 . ? -10.192 0.251   3.896   1.00 30.67 ? 11 HOH A O     1 
HETATM 174 O  O     . HOH D 4 . ? 0.179   -5.236  0.295   1.00 28.95 ? 12 HOH A O     1 
HETATM 175 O  O     . HOH D 4 . ? 1.211   -3.275  -5.224  1.00 33.12 ? 13 HOH A O     1 
HETATM 176 O  O     . HOH D 4 . ? -4.055  -5.324  3.168   1.00 35.99 ? 14 HOH A O     1 
HETATM 177 O  O     . HOH D 4 . ? -3.741  -1.137  6.035   1.00 21.93 ? 15 HOH A O     1 
HETATM 178 O  O     . HOH D 4 . ? 0.074   9.713   -5.526  1.00 29.44 ? 16 HOH A O     1 
HETATM 179 O  O     . HOH D 4 . ? -5.904  -3.400  -5.130  1.00 54.71 ? 17 HOH A O     1 
HETATM 180 O  O     . HOH D 4 . ? -8.407  -4.052  -7.284  1.00 42.35 ? 18 HOH A O     1 
HETATM 181 O  O     . HOH D 4 . ? -6.966  4.903   -7.512  1.00 23.28 ? 19 HOH A O     1 
HETATM 182 O  O     . HOH D 4 . ? -7.036  7.043   -5.090  1.00 42.96 ? 20 HOH A O     1 
HETATM 183 O  O     . HOH D 4 . ? -6.770  8.065   -2.297  1.00 22.27 ? 21 HOH A O     1 
HETATM 184 O  O     . HOH D 4 . ? 0.939   -2.754  9.668   1.00 49.38 ? 22 HOH A O     1 
HETATM 185 O  O     . HOH D 4 . ? -2.812  -5.389  0.517   1.00 40.92 ? 23 HOH A O     1 
HETATM 186 O  O     . HOH D 4 . ? -5.930  -9.223  0.006   1.00 40.08 ? 24 HOH A O     1 
HETATM 187 O  O     . HOH D 4 . ? 2.313   2.735   11.538  1.00 47.52 ? 25 HOH A O     1 
HETATM 188 O  O     . HOH D 4 . ? 15.065  -2.438  -6.731  1.00 43.97 ? 26 HOH A O     1 
HETATM 189 O  O     . HOH D 4 . ? 1.091   -7.708  0.972   1.00 23.92 ? 27 HOH A O     1 
HETATM 190 O  O     . HOH D 4 . ? -3.186  -3.822  5.089   1.00 33.81 ? 28 HOH A O     1 
HETATM 191 O  O     . HOH D 4 . ? -3.982  -9.316  -5.763  1.00 48.15 ? 29 HOH A O     1 
HETATM 192 O  O     . HOH D 4 . ? -1.383  6.876   -10.169 1.00 35.64 ? 30 HOH A O     1 
HETATM 193 O  O     . HOH D 4 . ? -9.236  5.650   6.133   1.00 43.89 ? 31 HOH A O     1 
HETATM 194 O  O     . HOH D 4 . ? -0.535  -7.447  3.395   1.00 44.49 ? 32 HOH A O     1 
HETATM 195 O  O     . HOH D 4 . ? -3.529  14.892  -7.069  1.00 51.22 ? 33 HOH A O     1 
HETATM 196 O  O     . HOH D 4 . ? 0.346   -3.159  -7.897  1.00 54.64 ? 34 HOH A O     1 
HETATM 197 O  O     . HOH D 4 . ? -3.627  9.097   -1.600  1.00 45.04 ? 35 HOH A O     1 
HETATM 198 O  O     . HOH D 4 . ? -2.407  -4.127  7.683   1.00 39.98 ? 36 HOH A O     1 
HETATM 199 O  O     . HOH D 4 . ? -0.093  -4.521  -3.150  1.00 40.76 ? 37 HOH A O     1 
HETATM 200 O  O     . HOH D 4 . ? -1.736  9.304   0.507   1.00 36.47 ? 38 HOH A O     1 
HETATM 201 O  O     . HOH D 4 . ? -0.935  9.383   3.498   1.00 40.56 ? 39 HOH A O     1 
HETATM 202 O  O     . HOH D 4 . ? -1.328  11.099  -3.124  1.00 50.05 ? 40 HOH A O     1 
HETATM 203 O  O     . HOH D 4 . ? 3.527   0.824   -13.476 1.00 56.24 ? 41 HOH A O     1 
HETATM 204 O  O     . HOH D 4 . ? -8.975  3.653   10.879  1.00 49.46 ? 42 HOH A O     1 
HETATM 205 O  O     . HOH D 4 . ? -2.499  -7.069  -5.600  1.00 47.39 ? 43 HOH A O     1 
HETATM 206 O  O     . HOH D 4 . ? 0.940   3.327   -13.282 1.00 57.52 ? 44 HOH A O     1 
HETATM 207 O  O     . HOH D 4 . ? -2.189  -4.124  -6.815  1.00 52.16 ? 45 HOH A O     1 
HETATM 208 O  O     . HOH D 4 . ? 1.155   14.833  1.153   1.00 61.95 ? 46 HOH A O     1 
HETATM 209 O  O     . HOH D 4 . ? -4.194  -3.090  -10.027 1.00 40.58 ? 47 HOH A O     1 
HETATM 210 O  O     . HOH D 4 . ? -4.032  7.977   -9.303  1.00 50.91 ? 48 HOH A O     1 
HETATM 211 O  O     . HOH D 4 . ? -3.734  9.836   -6.935  1.00 57.10 ? 49 HOH A O     1 
HETATM 212 O  O     . HOH D 4 . ? -4.510  12.964  -4.632  1.00 48.68 ? 50 HOH A O     1 
HETATM 213 O  O     . HOH D 4 . ? 2.021   -3.263  12.687  1.00 62.54 ? 51 HOH A O     1 
HETATM 214 O  O     . HOH D 4 . ? -7.662  4.605   -10.457 1.00 51.98 ? 52 HOH A O     1 
HETATM 215 O  O     . HOH D 4 . ? -6.324  11.021  -5.260  1.00 47.63 ? 53 HOH A O     1 
HETATM 216 O  O     . HOH D 4 . ? -7.010  12.165  -8.470  1.00 60.09 ? 54 HOH A O     1 
HETATM 217 O  O     . HOH D 4 . ? 0.353   -7.261  -3.622  1.00 63.58 ? 55 HOH A O     1 
HETATM 218 O  O     . HOH D 4 . ? 1.610   4.333   8.519   1.00 46.28 ? 56 HOH A O     1 
HETATM 219 O  O     . HOH D 4 . ? 2.581   11.032  -1.806  1.00 60.57 ? 57 HOH A O     1 
HETATM 220 O  O     . HOH D 4 . ? -7.730  3.821   8.372   1.00 59.74 ? 58 HOH A O     1 
HETATM 221 O  O     . HOH D 4 . ? -2.445  -1.178  -10.596 1.00 26.96 ? 59 HOH A O     1 
HETATM 222 O  O     . HOH D 4 . ? -1.356  0.999   -12.420 1.00 51.31 ? 60 HOH A O     1 
HETATM 223 O  O     . HOH D 4 . ? -7.374  -5.520  2.144   1.00 52.53 ? 61 HOH A O     1 
HETATM 224 O  O     . HOH D 4 . ? -7.002  -5.923  4.842   1.00 43.86 ? 62 HOH A O     1 
HETATM 225 O  O     . HOH D 4 . ? -2.559  -1.956  7.917   1.00 68.65 ? 63 HOH A O     1 
HETATM 226 O  O     . HOH D 4 . ? 3.317   -0.558  9.791   1.00 56.22 ? 64 HOH A O     1 
HETATM 227 O  O     . HOH D 4 . ? 2.478   11.335  -4.619  1.00 37.59 ? 65 HOH A O     1 
HETATM 228 O  O     . HOH D 4 . ? -4.504  -4.684  -7.921  1.00 52.91 ? 66 HOH A O     1 
HETATM 229 O  O     . HOH D 4 . ? -6.099  -7.700  -5.617  1.00 50.68 ? 67 HOH A O     1 
HETATM 230 O  O     . HOH D 4 . ? -8.312  -6.669  -2.868  1.00 54.36 ? 68 HOH A O     1 
HETATM 231 O  O     . HOH D 4 . ? 0.714   5.156   3.960   1.00 17.94 ? 69 HOH A O     1 
HETATM 232 O  O     . HOH D 4 . ? 1.087   0.425   11.267  1.00 39.16 ? 70 HOH A O     1 
HETATM 233 O  O     . HOH D 4 . ? -0.639  -4.831  4.353   1.00 33.12 ? 71 HOH A O     1 
HETATM 234 O  O     . HOH D 4 . ? -1.157  -1.103  11.064  1.00 40.90 ? 72 HOH A O     1 
HETATM 235 O  O     . HOH D 4 . ? -1.152  0.318   -15.863 1.00 40.33 ? 73 HOH A O     1 
HETATM 236 O  O     . HOH D 4 . ? 1.316   12.087  0.931   1.00 40.94 ? 74 HOH A O     1 
HETATM 237 O  O     . HOH D 4 . ? -6.118  -6.981  -1.432  1.00 31.71 ? 75 HOH A O     1 
HETATM 238 O  O     . HOH D 4 . ? -2.428  13.981  -3.269  1.00 45.35 ? 76 HOH A O     1 
# 
